data_7PRW
#
_entry.id   7PRW
#
_cell.length_a   80.21
_cell.length_b   122.724
_cell.length_c   130.449
_cell.angle_alpha   90
_cell.angle_beta   90
_cell.angle_gamma   90
#
_symmetry.space_group_name_H-M   'P 21 21 21'
#
loop_
_entity.id
_entity.type
_entity.pdbx_description
1 polymer 'Glucocorticoid receptor'
2 polymer "DNA (5'-D(*TP*CP*GP*AP*CP*GP*GP*AP*CP*AP*AP*AP*AP*TP*GP*TP*TP*CP*TP*GP*TP*AP*C)-3')"
3 polymer "DNA (5'-D(*GP*TP*AP*CP*AP*GP*AP*AP*CP*AP*TP*TP*TP*TP*GP*TP*CP*CP*GP*TP*CP*GP*A)-3')"
4 polymer 'Peroxisome proliferator-activated receptor gamma coactivator 1-alpha'
5 non-polymer 'ZINC ION'
6 non-polymer 1,2-ETHANEDIOL
7 non-polymer Velsecorat
8 water water
#
loop_
_entity_poly.entity_id
_entity_poly.type
_entity_poly.pdbx_seq_one_letter_code
_entity_poly.pdbx_strand_id
1 'polypeptide(L)'
;GRTVFSNGYSSPSMRPDVSAPPSSSSTATTGPPPKLCLVCSDEASGCHYGVLTCGSCKVFFKRAVEGQHNYLCAGRNDCI
IDKIRRKNCPACRYRKCLQAGMNLEARKTKKKIKGIQQATTGVSQETSENPGDKTIVPATLPQLTPTLVSLLEVIEPEVL
YAGYDSSVPDSTWRIMTTLNMLGGRQMIAAVKWAKAIPGFRNLHLDDQMTLLQYSWMSLMAFALGWRSYRQSSANLLCFA
PDLIINEQRMTLPDMYDQCKHMLYVSSELHRLQVSYEEYLCMKTLLLLSSVPKDGLKSQELFDEIRMTYIKELGKAIVKR
EGNSSQNWQRFYQLTKLLDSMHEVVENLLNYCFQTFLDKTMSIEFPEMLAEIITNQIPKYSNGNIKKLLFHQK
;
A,B
2 'polydeoxyribonucleotide'
;(DT)(DC)(DG)(DA)(DC)(DG)(DG)(DA)(DC)(DA)(DA)(DA)(DA)(DT)(DG)(DT)(DT)(DC)(DT)(DG)
(DT)(DA)(DC)
;
C
3 'polydeoxyribonucleotide'
;(DG)(DT)(DA)(DC)(DA)(DG)(DA)(DA)(DC)(DA)(DT)(DT)(DT)(DT)(DG)(DT)(DC)(DC)(DG)(DT)
(DC)(DG)(DA)
;
D
4 'polypeptide(L)' PPQEAEEPSLLKKLLLAPANT F
#
# COMPACT_ATOMS: atom_id res chain seq x y z
N GLY A 31 16.58 49.39 10.15
CA GLY A 31 16.97 48.03 9.82
C GLY A 31 15.86 47.21 9.20
N PRO A 32 16.17 46.36 8.19
CA PRO A 32 15.11 45.63 7.48
C PRO A 32 14.39 44.53 8.25
N PRO A 33 13.07 44.42 8.01
CA PRO A 33 12.29 43.36 8.69
C PRO A 33 12.84 41.98 8.37
N PRO A 34 13.09 41.16 9.40
CA PRO A 34 13.62 39.81 9.17
C PRO A 34 12.84 38.91 8.23
N LYS A 35 13.56 38.32 7.27
CA LYS A 35 13.00 37.40 6.30
C LYS A 35 12.62 36.12 7.04
N LEU A 36 11.51 35.48 6.66
CA LEU A 36 11.10 34.25 7.35
C LEU A 36 11.28 32.99 6.54
N CYS A 37 11.53 31.88 7.22
CA CYS A 37 11.71 30.57 6.60
C CYS A 37 10.34 30.06 6.15
N LEU A 38 10.16 29.87 4.83
CA LEU A 38 8.92 29.37 4.24
C LEU A 38 8.50 27.97 4.75
N VAL A 39 9.36 27.31 5.57
CA VAL A 39 9.15 25.97 6.14
C VAL A 39 8.92 25.98 7.68
N CYS A 40 9.87 26.48 8.47
CA CYS A 40 9.76 26.46 9.93
C CYS A 40 9.42 27.81 10.59
N SER A 41 9.26 28.86 9.79
CA SER A 41 8.97 30.24 10.21
C SER A 41 10.05 30.92 11.09
N ASP A 42 11.21 30.28 11.31
CA ASP A 42 12.36 30.89 11.99
C ASP A 42 13.04 31.85 10.96
N GLU A 43 13.87 32.82 11.41
CA GLU A 43 14.53 33.76 10.48
C GLU A 43 15.35 33.02 9.41
N ALA A 44 15.09 33.33 8.13
CA ALA A 44 15.75 32.67 7.00
C ALA A 44 17.17 33.16 6.80
N SER A 45 18.12 32.26 6.49
CA SER A 45 19.50 32.68 6.23
C SER A 45 19.75 33.12 4.76
N GLY A 46 18.83 32.75 3.87
CA GLY A 46 18.89 33.05 2.45
C GLY A 46 17.92 32.23 1.63
N CYS A 47 18.13 32.20 0.32
CA CYS A 47 17.31 31.47 -0.65
C CYS A 47 18.01 30.15 -0.98
N HIS A 48 17.81 29.12 -0.15
CA HIS A 48 18.48 27.84 -0.38
C HIS A 48 17.60 26.82 -1.08
N TYR A 49 18.15 26.18 -2.12
CA TYR A 49 17.48 25.16 -2.92
C TYR A 49 16.18 25.72 -3.50
N GLY A 50 16.26 26.93 -4.04
CA GLY A 50 15.16 27.65 -4.66
C GLY A 50 14.18 28.32 -3.72
N VAL A 51 14.21 27.98 -2.42
CA VAL A 51 13.26 28.52 -1.46
C VAL A 51 13.92 29.24 -0.29
N LEU A 52 13.32 30.38 0.13
CA LEU A 52 13.73 31.20 1.27
C LEU A 52 13.64 30.33 2.49
N THR A 53 14.78 29.82 2.90
CA THR A 53 14.86 28.86 3.97
C THR A 53 15.94 29.22 4.96
N CYS A 54 15.84 28.70 6.18
CA CYS A 54 16.85 28.96 7.19
C CYS A 54 18.02 27.94 7.06
N GLY A 55 19.03 28.07 7.91
CA GLY A 55 20.17 27.17 7.90
C GLY A 55 19.80 25.77 8.34
N SER A 56 19.00 25.63 9.41
CA SER A 56 18.62 24.32 9.91
C SER A 56 17.75 23.53 8.92
N CYS A 57 16.86 24.25 8.23
CA CYS A 57 15.95 23.67 7.25
C CYS A 57 16.66 23.28 5.97
N LYS A 58 17.73 24.00 5.62
CA LYS A 58 18.50 23.73 4.41
C LYS A 58 19.19 22.37 4.55
N VAL A 59 19.95 22.16 5.63
CA VAL A 59 20.70 20.94 5.83
C VAL A 59 19.79 19.75 6.15
N PHE A 60 18.61 19.98 6.77
CA PHE A 60 17.63 18.92 6.97
C PHE A 60 17.17 18.40 5.59
N PHE A 61 16.91 19.31 4.65
CA PHE A 61 16.50 18.94 3.31
C PHE A 61 17.60 18.22 2.52
N LYS A 62 18.87 18.67 2.60
CA LYS A 62 19.96 17.97 1.89
C LYS A 62 20.17 16.57 2.48
N ARG A 63 19.92 16.41 3.78
CA ARG A 63 20.07 15.13 4.45
C ARG A 63 18.92 14.16 4.17
N ALA A 64 17.71 14.68 3.99
CA ALA A 64 16.56 13.83 3.70
C ALA A 64 16.65 13.24 2.30
N VAL A 65 17.09 14.06 1.34
CA VAL A 65 17.21 13.60 -0.03
C VAL A 65 18.29 12.52 -0.15
N GLU A 66 19.55 12.86 0.13
CA GLU A 66 20.69 11.94 0.04
C GLU A 66 20.65 10.79 1.06
N GLY A 67 20.02 11.02 2.20
CA GLY A 67 20.01 10.04 3.29
C GLY A 67 19.22 8.76 3.08
N GLN A 68 18.22 8.79 2.19
CA GLN A 68 17.34 7.65 1.90
C GLN A 68 16.60 7.26 3.17
N HIS A 69 15.60 8.04 3.57
CA HIS A 69 14.85 7.74 4.78
C HIS A 69 13.38 7.53 4.46
N ASN A 70 12.74 6.64 5.22
CA ASN A 70 11.31 6.43 5.06
C ASN A 70 10.64 6.93 6.31
N TYR A 71 10.75 8.25 6.52
CA TYR A 71 10.21 8.98 7.67
C TYR A 71 8.72 8.68 7.84
N LEU A 72 8.31 8.32 9.07
CA LEU A 72 6.88 8.07 9.32
C LEU A 72 6.32 9.12 10.24
N CYS A 73 5.04 9.41 10.08
CA CYS A 73 4.38 10.44 10.84
C CYS A 73 3.66 9.87 12.03
N ALA A 74 3.95 10.39 13.23
CA ALA A 74 3.24 9.96 14.43
C ALA A 74 1.82 10.57 14.48
N GLY A 75 1.59 11.71 13.81
CA GLY A 75 0.31 12.39 13.73
C GLY A 75 -0.50 11.95 12.53
N ARG A 76 -1.00 12.89 11.68
CA ARG A 76 -1.82 12.50 10.52
C ARG A 76 -1.43 13.18 9.22
N ASN A 77 -0.12 13.31 8.99
CA ASN A 77 0.49 13.94 7.82
C ASN A 77 0.13 15.41 7.67
N ASP A 78 -0.15 16.09 8.77
CA ASP A 78 -0.46 17.50 8.78
C ASP A 78 0.04 18.15 10.07
N CYS A 79 1.25 17.80 10.48
CA CYS A 79 1.83 18.37 11.68
C CYS A 79 2.20 19.83 11.46
N ILE A 80 2.24 20.63 12.55
CA ILE A 80 2.59 22.04 12.43
C ILE A 80 4.08 22.14 12.48
N ILE A 81 4.68 22.67 11.41
CA ILE A 81 6.13 22.84 11.39
C ILE A 81 6.48 24.30 11.75
N ASP A 82 7.09 24.49 12.91
CA ASP A 82 7.55 25.79 13.37
C ASP A 82 8.92 25.66 14.09
N LYS A 83 9.56 26.78 14.50
CA LYS A 83 10.86 26.74 15.16
C LYS A 83 10.95 25.70 16.31
N ILE A 84 9.89 25.63 17.13
CA ILE A 84 9.78 24.77 18.30
C ILE A 84 9.52 23.28 17.94
N ARG A 85 8.75 23.04 16.87
CA ARG A 85 8.36 21.70 16.50
C ARG A 85 8.99 21.17 15.21
N ARG A 86 10.10 21.77 14.72
CA ARG A 86 10.72 21.26 13.49
C ARG A 86 11.47 19.93 13.72
N LYS A 87 11.93 19.70 14.96
CA LYS A 87 12.57 18.45 15.30
C LYS A 87 11.50 17.33 15.47
N ASN A 88 10.25 17.73 15.83
CA ASN A 88 9.08 16.89 16.05
C ASN A 88 8.83 15.89 14.93
N CYS A 89 8.51 16.32 13.72
CA CYS A 89 8.19 15.39 12.66
C CYS A 89 9.02 15.59 11.39
N PRO A 90 9.92 14.64 11.11
CA PRO A 90 10.72 14.73 9.87
C PRO A 90 9.90 14.33 8.65
N ALA A 91 8.79 13.58 8.82
CA ALA A 91 7.95 13.19 7.71
C ALA A 91 7.21 14.42 7.16
N CYS A 92 6.70 15.27 8.05
CA CYS A 92 5.98 16.48 7.70
C CYS A 92 6.92 17.63 7.42
N ARG A 93 8.13 17.63 7.99
CA ARG A 93 9.08 18.67 7.66
C ARG A 93 9.61 18.38 6.28
N TYR A 94 9.95 17.12 5.95
CA TYR A 94 10.42 16.80 4.59
C TYR A 94 9.29 16.97 3.54
N ARG A 95 8.03 16.85 3.95
CA ARG A 95 6.89 17.08 3.07
C ARG A 95 6.75 18.59 2.85
N LYS A 96 6.89 19.43 3.90
CA LYS A 96 6.80 20.89 3.81
C LYS A 96 7.91 21.50 2.94
N CYS A 97 9.10 20.87 2.91
CA CYS A 97 10.19 21.34 2.04
C CYS A 97 9.76 21.16 0.57
N LEU A 98 9.01 20.09 0.26
CA LEU A 98 8.53 19.86 -1.10
C LEU A 98 7.30 20.71 -1.44
N GLN A 99 6.47 21.07 -0.42
CA GLN A 99 5.33 21.95 -0.67
C GLN A 99 5.79 23.41 -0.87
N ALA A 100 6.83 23.87 -0.15
CA ALA A 100 7.37 25.22 -0.36
C ALA A 100 8.12 25.31 -1.69
N GLY A 101 8.72 24.20 -2.15
CA GLY A 101 9.36 24.16 -3.45
C GLY A 101 10.84 23.87 -3.55
N MET A 102 11.39 23.18 -2.56
CA MET A 102 12.81 22.85 -2.59
C MET A 102 13.11 21.76 -3.64
N ASN A 103 14.30 21.82 -4.21
CA ASN A 103 14.76 20.92 -5.26
C ASN A 103 16.32 20.90 -5.32
N LEU A 104 16.95 20.38 -6.40
CA LEU A 104 18.42 20.29 -6.49
C LEU A 104 18.89 20.38 -7.96
N PRO A 142 -9.01 34.80 13.64
CA PRO A 142 -9.34 34.05 12.43
C PRO A 142 -9.22 32.52 12.58
N GLN A 143 -9.73 31.78 11.57
CA GLN A 143 -9.81 30.31 11.50
C GLN A 143 -10.83 29.69 12.55
N LEU A 144 -11.84 30.53 12.92
CA LEU A 144 -13.03 30.30 13.78
C LEU A 144 -14.35 30.31 12.91
N THR A 145 -14.20 30.07 11.59
CA THR A 145 -15.23 29.96 10.56
C THR A 145 -15.12 28.50 10.11
N PRO A 146 -16.06 27.66 10.57
CA PRO A 146 -15.96 26.23 10.24
C PRO A 146 -16.07 25.95 8.76
N THR A 147 -15.33 24.96 8.34
CA THR A 147 -15.29 24.49 6.97
C THR A 147 -16.01 23.12 6.93
N LEU A 148 -16.30 22.60 5.74
CA LEU A 148 -16.94 21.29 5.64
C LEU A 148 -16.08 20.18 6.22
N VAL A 149 -14.75 20.24 6.03
CA VAL A 149 -13.85 19.20 6.54
C VAL A 149 -13.64 19.29 8.07
N SER A 150 -13.83 20.48 8.66
CA SER A 150 -13.75 20.63 10.10
C SER A 150 -14.94 19.92 10.80
N LEU A 151 -16.08 19.83 10.08
CA LEU A 151 -17.27 19.15 10.54
C LEU A 151 -17.01 17.64 10.45
N LEU A 152 -16.48 17.16 9.29
CA LEU A 152 -16.17 15.75 9.03
C LEU A 152 -15.22 15.19 10.09
N GLU A 153 -14.26 16.00 10.55
CA GLU A 153 -13.27 15.63 11.56
C GLU A 153 -13.95 15.39 12.93
N VAL A 154 -14.88 16.27 13.25
CA VAL A 154 -15.62 16.26 14.49
C VAL A 154 -16.66 15.14 14.50
N ILE A 155 -17.22 14.76 13.33
CA ILE A 155 -18.19 13.64 13.26
C ILE A 155 -17.53 12.29 12.94
N GLU A 156 -16.20 12.22 12.95
CA GLU A 156 -15.50 10.98 12.65
C GLU A 156 -15.78 9.97 13.75
N PRO A 157 -16.27 8.76 13.37
CA PRO A 157 -16.61 7.74 14.38
C PRO A 157 -15.46 7.39 15.31
N GLU A 158 -15.79 6.95 16.53
CA GLU A 158 -14.78 6.55 17.49
C GLU A 158 -14.22 5.15 17.20
N VAL A 159 -13.10 4.81 17.86
CA VAL A 159 -12.49 3.50 17.69
C VAL A 159 -13.28 2.51 18.56
N LEU A 160 -13.78 1.43 17.94
CA LEU A 160 -14.53 0.41 18.68
C LEU A 160 -13.63 -0.79 18.93
N TYR A 161 -13.88 -1.51 20.03
CA TYR A 161 -13.10 -2.68 20.36
C TYR A 161 -13.86 -3.93 19.95
N ALA A 162 -13.14 -4.92 19.45
CA ALA A 162 -13.72 -6.15 18.95
C ALA A 162 -14.34 -7.05 20.00
N GLY A 163 -13.82 -6.99 21.21
CA GLY A 163 -14.24 -7.88 22.29
C GLY A 163 -13.61 -9.24 22.12
N TYR A 164 -12.40 -9.28 21.57
CA TYR A 164 -11.67 -10.51 21.30
C TYR A 164 -10.93 -11.04 22.49
N ASP A 165 -11.27 -12.27 22.88
CA ASP A 165 -10.66 -12.96 24.02
C ASP A 165 -9.32 -13.52 23.63
N SER A 166 -8.26 -12.75 23.88
CA SER A 166 -6.89 -13.12 23.54
C SER A 166 -6.33 -14.27 24.37
N SER A 167 -6.96 -14.60 25.51
CA SER A 167 -6.51 -15.72 26.34
C SER A 167 -6.95 -17.11 25.79
N VAL A 168 -7.53 -17.14 24.57
CA VAL A 168 -8.00 -18.37 23.92
C VAL A 168 -7.34 -18.47 22.53
N PRO A 169 -6.92 -19.67 22.08
CA PRO A 169 -6.28 -19.78 20.75
C PRO A 169 -7.11 -19.26 19.58
N ASP A 170 -6.42 -18.68 18.58
CA ASP A 170 -7.06 -18.13 17.38
C ASP A 170 -7.65 -19.24 16.52
N SER A 171 -8.58 -18.86 15.65
CA SER A 171 -9.23 -19.71 14.66
C SER A 171 -9.90 -18.82 13.61
N THR A 172 -9.94 -19.27 12.34
CA THR A 172 -10.55 -18.48 11.27
C THR A 172 -12.01 -18.16 11.57
N TRP A 173 -12.72 -19.13 12.12
CA TRP A 173 -14.12 -18.94 12.48
C TRP A 173 -14.27 -17.86 13.56
N ARG A 174 -13.54 -17.97 14.69
CA ARG A 174 -13.63 -17.02 15.77
C ARG A 174 -13.20 -15.63 15.35
N ILE A 175 -12.17 -15.54 14.51
CA ILE A 175 -11.67 -14.25 14.03
C ILE A 175 -12.67 -13.61 13.07
N MET A 176 -13.19 -14.36 12.10
CA MET A 176 -14.15 -13.80 11.14
C MET A 176 -15.47 -13.47 11.77
N THR A 177 -15.92 -14.29 12.75
CA THR A 177 -17.18 -14.03 13.44
C THR A 177 -17.06 -12.74 14.23
N THR A 178 -15.98 -12.60 15.02
CA THR A 178 -15.73 -11.41 15.82
C THR A 178 -15.69 -10.16 14.96
N LEU A 179 -15.03 -10.23 13.80
CA LEU A 179 -14.94 -9.09 12.90
C LEU A 179 -16.25 -8.75 12.20
N ASN A 180 -17.11 -9.75 11.99
CA ASN A 180 -18.42 -9.48 11.40
C ASN A 180 -19.29 -8.81 12.45
N MET A 181 -19.29 -9.34 13.70
CA MET A 181 -20.02 -8.77 14.82
C MET A 181 -19.52 -7.35 15.15
N LEU A 182 -18.21 -7.08 14.93
CA LEU A 182 -17.62 -5.77 15.14
C LEU A 182 -18.04 -4.86 13.99
N GLY A 183 -17.91 -5.35 12.76
CA GLY A 183 -18.29 -4.65 11.55
C GLY A 183 -19.74 -4.20 11.55
N GLY A 184 -20.59 -4.93 12.24
CA GLY A 184 -22.00 -4.56 12.38
C GLY A 184 -22.12 -3.29 13.20
N ARG A 185 -21.34 -3.21 14.30
CA ARG A 185 -21.32 -2.03 15.17
C ARG A 185 -20.68 -0.85 14.48
N GLN A 186 -19.65 -1.10 13.65
CA GLN A 186 -18.97 -0.06 12.86
C GLN A 186 -19.97 0.50 11.84
N MET A 187 -20.82 -0.35 11.26
CA MET A 187 -21.85 0.02 10.33
C MET A 187 -22.84 0.96 11.02
N ILE A 188 -23.27 0.63 12.25
CA ILE A 188 -24.19 1.45 13.06
C ILE A 188 -23.66 2.88 13.20
N ALA A 189 -22.36 3.01 13.46
CA ALA A 189 -21.71 4.32 13.57
C ALA A 189 -21.65 4.96 12.21
N ALA A 190 -21.37 4.19 11.15
CA ALA A 190 -21.33 4.68 9.78
C ALA A 190 -22.68 5.26 9.33
N VAL A 191 -23.79 4.84 9.97
CA VAL A 191 -25.12 5.36 9.68
C VAL A 191 -25.26 6.74 10.33
N LYS A 192 -24.95 6.84 11.64
CA LYS A 192 -24.98 8.09 12.42
C LYS A 192 -23.99 9.14 11.86
N TRP A 193 -22.89 8.68 11.22
CA TRP A 193 -21.90 9.52 10.59
C TRP A 193 -22.53 10.10 9.33
N ALA A 194 -23.16 9.26 8.50
CA ALA A 194 -23.81 9.69 7.28
C ALA A 194 -24.90 10.73 7.55
N LYS A 195 -25.70 10.53 8.62
CA LYS A 195 -26.75 11.48 9.00
C LYS A 195 -26.16 12.87 9.31
N ALA A 196 -24.96 12.91 9.90
CA ALA A 196 -24.27 14.14 10.26
C ALA A 196 -23.54 14.81 9.11
N ILE A 197 -23.38 14.12 7.97
CA ILE A 197 -22.71 14.73 6.81
C ILE A 197 -23.66 15.78 6.25
N PRO A 198 -23.19 17.02 6.09
CA PRO A 198 -24.08 18.09 5.61
C PRO A 198 -24.78 17.81 4.28
N GLY A 199 -26.08 17.60 4.34
CA GLY A 199 -26.90 17.36 3.15
C GLY A 199 -27.37 15.94 2.89
N PHE A 200 -26.89 14.96 3.67
CA PHE A 200 -27.30 13.58 3.46
C PHE A 200 -28.77 13.35 3.80
N ARG A 201 -29.23 13.87 4.94
CA ARG A 201 -30.62 13.72 5.33
C ARG A 201 -31.58 14.64 4.50
N ASN A 202 -31.01 15.50 3.63
CA ASN A 202 -31.77 16.34 2.71
C ASN A 202 -32.30 15.47 1.55
N LEU A 203 -31.52 14.43 1.14
CA LEU A 203 -31.88 13.45 0.11
C LEU A 203 -33.05 12.55 0.55
N HIS A 204 -33.66 11.81 -0.39
CA HIS A 204 -34.76 10.91 -0.05
C HIS A 204 -34.27 9.74 0.83
N LEU A 205 -35.17 9.17 1.64
CA LEU A 205 -34.88 8.04 2.53
C LEU A 205 -34.47 6.81 1.73
N ASP A 206 -35.14 6.57 0.58
CA ASP A 206 -34.79 5.45 -0.30
C ASP A 206 -33.41 5.62 -0.95
N ASP A 207 -32.95 6.88 -1.11
CA ASP A 207 -31.63 7.20 -1.65
C ASP A 207 -30.61 6.98 -0.55
N GLN A 208 -30.87 7.48 0.67
CA GLN A 208 -29.98 7.33 1.82
C GLN A 208 -29.73 5.86 2.09
N MET A 209 -30.81 5.06 2.11
CA MET A 209 -30.73 3.63 2.34
C MET A 209 -29.90 2.96 1.26
N THR A 210 -30.07 3.39 -0.01
CA THR A 210 -29.34 2.85 -1.14
C THR A 210 -27.86 3.17 -1.06
N LEU A 211 -27.51 4.44 -0.81
CA LEU A 211 -26.13 4.88 -0.73
C LEU A 211 -25.32 4.12 0.30
N LEU A 212 -25.91 3.86 1.47
CA LEU A 212 -25.23 3.10 2.51
C LEU A 212 -25.09 1.62 2.11
N GLN A 213 -26.16 1.02 1.56
CA GLN A 213 -26.19 -0.38 1.11
C GLN A 213 -25.12 -0.64 0.05
N TYR A 214 -24.92 0.32 -0.86
CA TYR A 214 -23.98 0.22 -1.98
C TYR A 214 -22.53 0.51 -1.59
N SER A 215 -22.32 1.47 -0.68
CA SER A 215 -20.96 1.89 -0.34
C SER A 215 -20.47 1.53 1.05
N TRP A 216 -21.12 0.59 1.76
CA TRP A 216 -20.69 0.23 3.11
C TRP A 216 -19.32 -0.39 3.16
N MET A 217 -18.96 -1.16 2.14
CA MET A 217 -17.65 -1.80 2.09
C MET A 217 -16.55 -0.83 1.69
N SER A 218 -16.88 0.25 0.94
CA SER A 218 -15.88 1.26 0.60
C SER A 218 -15.49 2.01 1.86
N LEU A 219 -16.50 2.39 2.69
CA LEU A 219 -16.32 3.09 3.96
C LEU A 219 -15.58 2.22 5.00
N MET A 220 -15.86 0.91 5.04
CA MET A 220 -15.19 0.05 6.02
C MET A 220 -13.76 -0.27 5.64
N ALA A 221 -13.49 -0.59 4.37
CA ALA A 221 -12.11 -0.85 3.92
C ALA A 221 -11.28 0.45 3.85
N PHE A 222 -11.93 1.63 3.67
CA PHE A 222 -11.18 2.89 3.64
C PHE A 222 -10.79 3.28 5.06
N ALA A 223 -11.74 3.23 6.02
CA ALA A 223 -11.44 3.60 7.40
C ALA A 223 -10.54 2.60 8.08
N LEU A 224 -10.61 1.31 7.67
CA LEU A 224 -9.74 0.25 8.17
C LEU A 224 -8.33 0.45 7.61
N GLY A 225 -8.25 0.79 6.31
CA GLY A 225 -6.97 1.03 5.66
C GLY A 225 -6.21 2.18 6.30
N TRP A 226 -6.93 3.26 6.65
CA TRP A 226 -6.30 4.42 7.28
C TRP A 226 -5.87 4.07 8.71
N ARG A 227 -6.69 3.31 9.45
CA ARG A 227 -6.30 2.90 10.80
C ARG A 227 -5.08 1.97 10.78
N SER A 228 -4.95 1.14 9.74
CA SER A 228 -3.82 0.24 9.61
C SER A 228 -2.57 0.99 9.18
N TYR A 229 -2.74 2.04 8.36
CA TYR A 229 -1.65 2.89 7.87
C TYR A 229 -1.07 3.59 9.07
N ARG A 230 -1.91 4.25 9.84
CA ARG A 230 -1.47 5.04 10.97
C ARG A 230 -0.97 4.25 12.15
N GLN A 231 -1.63 3.13 12.50
CA GLN A 231 -1.30 2.42 13.72
C GLN A 231 -0.20 1.39 13.61
N SER A 232 -0.07 0.73 12.46
CA SER A 232 0.94 -0.32 12.32
C SER A 232 1.84 -0.09 11.14
N SER A 233 2.21 1.16 10.88
CA SER A 233 3.13 1.56 9.80
C SER A 233 2.72 1.04 8.38
N ALA A 234 1.48 0.48 8.23
CA ALA A 234 0.85 -0.16 7.04
C ALA A 234 1.24 -1.64 6.84
N ASN A 235 1.78 -2.29 7.90
CA ASN A 235 2.26 -3.69 7.93
C ASN A 235 1.16 -4.67 8.32
N LEU A 236 0.26 -4.26 9.21
CA LEU A 236 -0.78 -5.15 9.72
C LEU A 236 -2.16 -4.57 9.52
N LEU A 237 -3.22 -5.40 9.66
CA LEU A 237 -4.59 -4.89 9.62
C LEU A 237 -5.04 -4.60 11.03
N CYS A 238 -5.44 -3.35 11.30
CA CYS A 238 -5.86 -2.93 12.63
C CYS A 238 -7.34 -2.80 12.74
N PHE A 239 -8.03 -3.94 12.79
CA PHE A 239 -9.47 -3.97 12.90
C PHE A 239 -9.95 -3.26 14.16
N ALA A 240 -9.28 -3.56 15.28
CA ALA A 240 -9.60 -2.97 16.58
C ALA A 240 -8.35 -3.04 17.47
N PRO A 241 -8.24 -2.24 18.57
CA PRO A 241 -7.03 -2.32 19.41
C PRO A 241 -6.72 -3.70 19.96
N ASP A 242 -7.76 -4.54 20.09
CA ASP A 242 -7.67 -5.88 20.62
C ASP A 242 -7.71 -7.00 19.55
N LEU A 243 -7.99 -6.66 18.28
CA LEU A 243 -7.98 -7.67 17.20
C LEU A 243 -7.15 -7.20 16.03
N ILE A 244 -5.84 -7.40 16.12
CA ILE A 244 -4.93 -7.01 15.08
C ILE A 244 -4.43 -8.24 14.33
N ILE A 245 -4.79 -8.35 13.04
CA ILE A 245 -4.42 -9.46 12.18
C ILE A 245 -2.94 -9.40 11.92
N ASN A 246 -2.17 -10.14 12.69
CA ASN A 246 -0.72 -10.17 12.55
C ASN A 246 -0.25 -11.23 11.50
N GLU A 247 1.08 -11.37 11.31
CA GLU A 247 1.62 -12.31 10.33
C GLU A 247 1.19 -13.73 10.61
N GLN A 248 1.00 -14.07 11.89
CA GLN A 248 0.52 -15.37 12.32
C GLN A 248 -0.96 -15.56 11.92
N ARG A 249 -1.82 -14.57 12.21
CA ARG A 249 -3.24 -14.66 11.89
C ARG A 249 -3.54 -14.59 10.40
N MET A 250 -2.66 -13.96 9.61
CA MET A 250 -2.87 -13.84 8.17
C MET A 250 -2.69 -15.14 7.41
N THR A 251 -1.78 -16.00 7.89
CA THR A 251 -1.55 -17.29 7.25
C THR A 251 -2.53 -18.38 7.77
N LEU A 252 -3.63 -17.98 8.40
CA LEU A 252 -4.66 -18.90 8.86
C LEU A 252 -5.54 -19.23 7.65
N PRO A 253 -6.26 -20.37 7.71
CA PRO A 253 -7.13 -20.76 6.58
C PRO A 253 -8.17 -19.71 6.17
N ASP A 254 -8.27 -19.44 4.84
CA ASP A 254 -9.20 -18.50 4.22
C ASP A 254 -9.00 -17.03 4.64
N MET A 255 -7.87 -16.72 5.31
CA MET A 255 -7.60 -15.36 5.76
C MET A 255 -6.80 -14.52 4.77
N TYR A 256 -5.61 -14.99 4.39
CA TYR A 256 -4.63 -14.25 3.58
C TYR A 256 -5.20 -13.43 2.42
N ASP A 257 -5.94 -14.07 1.50
CA ASP A 257 -6.43 -13.37 0.32
C ASP A 257 -7.34 -12.21 0.62
N GLN A 258 -8.24 -12.31 1.60
CA GLN A 258 -9.14 -11.23 1.94
C GLN A 258 -8.39 -10.08 2.63
N CYS A 259 -7.41 -10.40 3.47
CA CYS A 259 -6.59 -9.42 4.17
C CYS A 259 -5.76 -8.63 3.20
N LYS A 260 -5.22 -9.27 2.15
CA LYS A 260 -4.40 -8.56 1.15
C LYS A 260 -5.17 -7.47 0.47
N HIS A 261 -6.48 -7.62 0.27
CA HIS A 261 -7.29 -6.58 -0.36
C HIS A 261 -7.41 -5.37 0.55
N MET A 262 -7.59 -5.60 1.86
CA MET A 262 -7.68 -4.51 2.85
C MET A 262 -6.33 -3.81 2.96
N LEU A 263 -5.23 -4.58 2.85
CA LEU A 263 -3.86 -4.11 2.92
C LEU A 263 -3.44 -3.28 1.73
N TYR A 264 -4.10 -3.43 0.58
CA TYR A 264 -3.81 -2.60 -0.59
C TYR A 264 -4.25 -1.19 -0.26
N VAL A 265 -5.41 -1.02 0.40
CA VAL A 265 -5.93 0.28 0.77
C VAL A 265 -4.94 0.99 1.67
N SER A 266 -4.39 0.27 2.64
CA SER A 266 -3.42 0.79 3.60
C SER A 266 -2.10 1.12 2.92
N SER A 267 -1.66 0.24 2.01
CA SER A 267 -0.41 0.37 1.28
C SER A 267 -0.42 1.53 0.26
N GLU A 268 -1.60 1.88 -0.25
CA GLU A 268 -1.74 2.98 -1.17
C GLU A 268 -1.74 4.25 -0.37
N LEU A 269 -2.54 4.32 0.72
CA LEU A 269 -2.53 5.48 1.62
C LEU A 269 -1.10 5.75 2.15
N HIS A 270 -0.28 4.69 2.28
CA HIS A 270 1.10 4.86 2.71
C HIS A 270 1.94 5.48 1.63
N ARG A 271 1.85 4.94 0.41
CA ARG A 271 2.60 5.39 -0.76
C ARG A 271 2.27 6.82 -1.11
N LEU A 272 1.01 7.22 -0.93
CA LEU A 272 0.57 8.56 -1.25
C LEU A 272 0.70 9.54 -0.10
N GLN A 273 1.02 9.10 1.14
CA GLN A 273 1.16 9.99 2.30
C GLN A 273 -0.09 10.86 2.46
N VAL A 274 -1.26 10.23 2.44
CA VAL A 274 -2.53 10.95 2.50
C VAL A 274 -2.65 11.73 3.82
N SER A 275 -3.06 12.99 3.76
CA SER A 275 -3.21 13.80 4.98
C SER A 275 -4.61 13.57 5.57
N TYR A 276 -4.85 13.94 6.84
CA TYR A 276 -6.14 13.69 7.48
C TYR A 276 -7.28 14.36 6.74
N GLU A 277 -7.20 15.66 6.43
CA GLU A 277 -8.25 16.37 5.68
C GLU A 277 -8.56 15.72 4.34
N GLU A 278 -7.53 15.22 3.64
CA GLU A 278 -7.68 14.54 2.37
C GLU A 278 -8.43 13.25 2.58
N TYR A 279 -8.08 12.49 3.63
CA TYR A 279 -8.72 11.23 3.95
C TYR A 279 -10.21 11.48 4.25
N LEU A 280 -10.52 12.50 5.09
CA LEU A 280 -11.89 12.82 5.48
C LEU A 280 -12.75 13.12 4.26
N CYS A 281 -12.16 13.74 3.25
CA CYS A 281 -12.88 14.08 2.04
C CYS A 281 -13.03 12.91 1.12
N MET A 282 -11.99 12.07 1.01
CA MET A 282 -12.08 10.87 0.18
C MET A 282 -13.12 9.91 0.78
N LYS A 283 -13.21 9.81 2.12
CA LYS A 283 -14.18 8.94 2.75
C LYS A 283 -15.60 9.38 2.42
N THR A 284 -15.94 10.67 2.60
CA THR A 284 -17.28 11.15 2.24
C THR A 284 -17.56 10.92 0.77
N LEU A 285 -16.54 11.07 -0.08
CA LEU A 285 -16.70 10.83 -1.51
C LEU A 285 -16.97 9.36 -1.82
N LEU A 286 -16.48 8.44 -0.97
CA LEU A 286 -16.70 7.01 -1.15
C LEU A 286 -18.15 6.64 -0.89
N LEU A 287 -18.79 7.29 0.08
CA LEU A 287 -20.21 7.09 0.37
C LEU A 287 -21.04 7.47 -0.90
N LEU A 288 -20.61 8.53 -1.57
CA LEU A 288 -21.25 9.03 -2.76
C LEU A 288 -20.47 8.52 -4.02
N SER A 289 -20.22 7.20 -4.11
CA SER A 289 -19.48 6.68 -5.27
C SER A 289 -20.22 5.58 -6.04
N SER A 290 -21.21 4.92 -5.42
CA SER A 290 -21.99 3.88 -6.10
C SER A 290 -23.48 4.29 -6.13
N VAL A 291 -24.07 4.38 -7.33
CA VAL A 291 -25.46 4.84 -7.57
C VAL A 291 -26.27 3.78 -8.32
N PRO A 292 -27.60 3.59 -8.11
CA PRO A 292 -28.36 2.62 -8.96
C PRO A 292 -28.23 3.02 -10.43
N LYS A 293 -27.99 2.06 -11.32
CA LYS A 293 -27.77 2.26 -12.75
C LYS A 293 -28.65 3.35 -13.39
N ASP A 294 -29.95 3.32 -13.08
CA ASP A 294 -30.90 4.30 -13.62
C ASP A 294 -30.81 5.67 -12.92
N GLY A 295 -30.55 5.64 -11.62
CA GLY A 295 -30.41 6.86 -10.83
C GLY A 295 -31.04 6.79 -9.46
N LEU A 296 -31.16 7.96 -8.81
CA LEU A 296 -31.75 8.11 -7.48
C LEU A 296 -33.02 8.99 -7.52
N LYS A 297 -33.87 8.85 -6.50
CA LYS A 297 -35.10 9.63 -6.35
C LYS A 297 -34.79 11.14 -6.28
N SER A 298 -33.65 11.52 -5.70
CA SER A 298 -33.20 12.90 -5.61
C SER A 298 -31.81 12.98 -6.24
N GLN A 299 -31.71 12.61 -7.53
CA GLN A 299 -30.45 12.59 -8.26
C GLN A 299 -29.88 13.98 -8.53
N GLU A 300 -30.76 14.96 -8.80
CA GLU A 300 -30.34 16.35 -9.04
C GLU A 300 -29.59 16.91 -7.83
N LEU A 301 -30.08 16.60 -6.63
CA LEU A 301 -29.50 17.01 -5.36
C LEU A 301 -28.23 16.22 -5.08
N PHE A 302 -28.25 14.90 -5.36
CA PHE A 302 -27.10 14.01 -5.18
C PHE A 302 -25.87 14.53 -5.93
N ASP A 303 -26.07 14.97 -7.17
CA ASP A 303 -25.00 15.48 -8.01
C ASP A 303 -24.33 16.74 -7.41
N GLU A 304 -25.14 17.73 -6.94
CA GLU A 304 -24.56 18.93 -6.33
C GLU A 304 -23.90 18.63 -4.99
N ILE A 305 -24.36 17.59 -4.26
CA ILE A 305 -23.74 17.20 -2.99
C ILE A 305 -22.37 16.57 -3.27
N ARG A 306 -22.30 15.64 -4.24
CA ARG A 306 -21.06 15.01 -4.61
C ARG A 306 -20.07 16.02 -5.16
N MET A 307 -20.56 16.96 -5.96
CA MET A 307 -19.73 18.01 -6.51
C MET A 307 -19.10 18.90 -5.43
N THR A 308 -19.81 19.09 -4.31
CA THR A 308 -19.36 19.92 -3.19
C THR A 308 -18.16 19.29 -2.55
N TYR A 309 -18.19 17.97 -2.32
CA TYR A 309 -17.08 17.26 -1.69
C TYR A 309 -15.90 17.03 -2.62
N ILE A 310 -16.09 17.15 -3.94
CA ILE A 310 -14.98 17.12 -4.88
C ILE A 310 -14.23 18.45 -4.74
N LYS A 311 -14.97 19.57 -4.65
CA LYS A 311 -14.38 20.90 -4.43
C LYS A 311 -13.74 20.96 -3.04
N GLU A 312 -14.33 20.26 -2.07
CA GLU A 312 -13.83 20.15 -0.71
C GLU A 312 -12.51 19.41 -0.71
N LEU A 313 -12.40 18.31 -1.49
CA LEU A 313 -11.16 17.55 -1.62
C LEU A 313 -10.08 18.44 -2.22
N GLY A 314 -10.45 19.19 -3.25
CA GLY A 314 -9.56 20.13 -3.93
C GLY A 314 -9.05 21.20 -3.01
N LYS A 315 -9.86 21.61 -2.01
CA LYS A 315 -9.46 22.63 -1.04
C LYS A 315 -8.40 22.06 -0.10
N ALA A 316 -8.58 20.82 0.35
CA ALA A 316 -7.63 20.12 1.19
C ALA A 316 -6.31 19.87 0.45
N ILE A 317 -6.37 19.67 -0.87
CA ILE A 317 -5.18 19.48 -1.70
C ILE A 317 -4.42 20.82 -1.90
N VAL A 318 -5.08 21.97 -1.75
CA VAL A 318 -4.43 23.27 -1.91
C VAL A 318 -3.56 23.55 -0.69
N LYS A 319 -4.08 23.26 0.53
CA LYS A 319 -3.32 23.46 1.78
C LYS A 319 -2.04 22.61 1.73
N ARG A 320 -2.26 21.29 1.52
CA ARG A 320 -1.27 20.25 1.43
C ARG A 320 -0.14 20.50 0.42
N GLU A 321 -0.47 20.81 -0.85
CA GLU A 321 0.56 20.97 -1.87
C GLU A 321 1.21 22.35 -2.00
N GLY A 322 0.48 23.43 -1.72
CA GLY A 322 1.04 24.77 -1.85
C GLY A 322 1.71 25.10 -3.18
N ASN A 323 1.25 24.47 -4.29
CA ASN A 323 1.80 24.75 -5.63
C ASN A 323 0.79 24.46 -6.75
N SER A 324 0.72 25.38 -7.75
CA SER A 324 -0.20 25.32 -8.91
C SER A 324 -0.18 23.97 -9.68
N SER A 325 1.01 23.52 -10.11
CA SER A 325 1.14 22.25 -10.83
C SER A 325 1.12 21.02 -9.90
N GLN A 326 1.56 21.17 -8.65
CA GLN A 326 1.53 20.06 -7.68
C GLN A 326 0.09 19.71 -7.35
N ASN A 327 -0.79 20.73 -7.20
CA ASN A 327 -2.21 20.60 -6.89
C ASN A 327 -2.97 19.68 -7.83
N TRP A 328 -2.54 19.59 -9.09
CA TRP A 328 -3.22 18.74 -10.05
C TRP A 328 -2.69 17.32 -10.01
N GLN A 329 -1.36 17.15 -9.99
CA GLN A 329 -0.72 15.83 -9.92
C GLN A 329 -1.23 15.07 -8.69
N ARG A 330 -1.47 15.80 -7.58
CA ARG A 330 -2.01 15.31 -6.32
C ARG A 330 -3.45 14.89 -6.51
N PHE A 331 -4.31 15.76 -7.03
CA PHE A 331 -5.72 15.45 -7.28
C PHE A 331 -5.86 14.19 -8.13
N TYR A 332 -4.95 14.04 -9.11
CA TYR A 332 -4.91 12.91 -10.02
C TYR A 332 -4.77 11.60 -9.24
N GLN A 333 -3.79 11.52 -8.33
CA GLN A 333 -3.53 10.32 -7.57
C GLN A 333 -4.59 9.98 -6.56
N LEU A 334 -5.16 10.96 -5.86
CA LEU A 334 -6.17 10.69 -4.84
C LEU A 334 -7.43 10.21 -5.50
N THR A 335 -7.87 10.89 -6.53
CA THR A 335 -9.05 10.50 -7.29
C THR A 335 -8.83 9.17 -8.03
N LYS A 336 -7.57 8.89 -8.46
CA LYS A 336 -7.20 7.62 -9.10
C LYS A 336 -7.28 6.50 -8.06
N LEU A 337 -6.96 6.77 -6.77
CA LEU A 337 -7.11 5.80 -5.69
C LEU A 337 -8.61 5.58 -5.45
N LEU A 338 -9.40 6.66 -5.40
CA LEU A 338 -10.85 6.59 -5.21
C LEU A 338 -11.49 5.67 -6.27
N ASP A 339 -10.92 5.63 -7.48
CA ASP A 339 -11.39 4.77 -8.56
C ASP A 339 -11.05 3.33 -8.25
N SER A 340 -9.78 3.06 -7.88
CA SER A 340 -9.37 1.70 -7.56
C SER A 340 -10.13 1.14 -6.38
N MET A 341 -10.73 1.98 -5.52
CA MET A 341 -11.54 1.52 -4.40
C MET A 341 -12.74 0.68 -4.87
N HIS A 342 -13.27 0.94 -6.07
CA HIS A 342 -14.38 0.15 -6.63
C HIS A 342 -13.96 -1.28 -6.92
N GLU A 343 -12.70 -1.48 -7.33
CA GLU A 343 -12.11 -2.79 -7.61
C GLU A 343 -11.79 -3.51 -6.30
N VAL A 344 -11.38 -2.76 -5.25
CA VAL A 344 -11.08 -3.32 -3.93
C VAL A 344 -12.40 -3.84 -3.34
N VAL A 345 -13.45 -3.03 -3.40
CA VAL A 345 -14.76 -3.42 -2.88
C VAL A 345 -15.40 -4.54 -3.72
N GLU A 346 -15.15 -4.55 -5.04
CA GLU A 346 -15.64 -5.60 -5.94
C GLU A 346 -15.12 -6.97 -5.47
N ASN A 347 -13.83 -7.02 -5.09
CA ASN A 347 -13.13 -8.22 -4.65
C ASN A 347 -13.47 -8.60 -3.21
N LEU A 348 -13.61 -7.59 -2.33
CA LEU A 348 -13.95 -7.83 -0.94
C LEU A 348 -15.35 -8.41 -0.85
N LEU A 349 -16.30 -7.86 -1.62
CA LEU A 349 -17.66 -8.34 -1.61
C LEU A 349 -17.79 -9.70 -2.27
N ASN A 350 -16.96 -10.02 -3.27
CA ASN A 350 -17.01 -11.35 -3.91
C ASN A 350 -16.75 -12.47 -2.89
N TYR A 351 -15.78 -12.29 -1.99
CA TYR A 351 -15.47 -13.29 -0.97
C TYR A 351 -16.49 -13.25 0.18
N CYS A 352 -16.92 -12.05 0.57
CA CYS A 352 -17.88 -11.89 1.66
C CYS A 352 -19.20 -12.55 1.31
N PHE A 353 -19.69 -12.32 0.09
CA PHE A 353 -20.94 -12.89 -0.41
C PHE A 353 -20.83 -14.40 -0.53
N GLN A 354 -19.67 -14.90 -0.99
CA GLN A 354 -19.43 -16.32 -1.12
C GLN A 354 -19.45 -16.98 0.27
N THR A 355 -18.88 -16.32 1.29
CA THR A 355 -18.84 -16.81 2.66
C THR A 355 -20.21 -16.80 3.29
N PHE A 356 -20.97 -15.74 3.07
CA PHE A 356 -22.33 -15.62 3.60
C PHE A 356 -23.22 -16.77 3.09
N LEU A 357 -23.13 -17.06 1.79
CA LEU A 357 -23.89 -18.12 1.14
C LEU A 357 -23.32 -19.53 1.43
N ASP A 358 -22.03 -19.61 1.80
CA ASP A 358 -21.36 -20.87 2.13
C ASP A 358 -21.86 -21.37 3.48
N LYS A 359 -22.81 -22.30 3.44
CA LYS A 359 -23.43 -22.90 4.62
C LYS A 359 -22.40 -23.73 5.41
N THR A 360 -21.42 -24.37 4.71
CA THR A 360 -20.38 -25.23 5.30
C THR A 360 -19.37 -24.45 6.17
N MET A 361 -19.00 -23.23 5.76
CA MET A 361 -18.10 -22.42 6.57
C MET A 361 -18.80 -22.02 7.88
N SER A 362 -20.09 -21.63 7.77
CA SER A 362 -20.98 -21.23 8.86
C SER A 362 -20.35 -20.19 9.76
N ILE A 363 -20.01 -19.05 9.19
CA ILE A 363 -19.45 -17.94 9.96
C ILE A 363 -20.61 -16.99 10.35
N GLU A 364 -20.55 -16.37 11.53
CA GLU A 364 -21.64 -15.50 12.00
C GLU A 364 -21.60 -14.04 11.52
N PHE A 365 -22.70 -13.58 10.92
CA PHE A 365 -22.88 -12.20 10.47
C PHE A 365 -24.00 -11.58 11.34
N PRO A 366 -23.86 -10.33 11.82
CA PRO A 366 -24.90 -9.76 12.70
C PRO A 366 -26.20 -9.40 11.98
N GLU A 367 -27.32 -9.31 12.73
CA GLU A 367 -28.65 -9.00 12.20
C GLU A 367 -28.69 -7.75 11.29
N MET A 368 -27.80 -6.77 11.52
CA MET A 368 -27.75 -5.56 10.70
C MET A 368 -27.07 -5.85 9.37
N LEU A 369 -25.86 -6.42 9.43
CA LEU A 369 -25.03 -6.69 8.26
C LEU A 369 -25.62 -7.73 7.33
N ALA A 370 -26.20 -8.80 7.90
CA ALA A 370 -26.83 -9.86 7.10
C ALA A 370 -27.96 -9.30 6.25
N GLU A 371 -28.72 -8.34 6.81
CA GLU A 371 -29.83 -7.67 6.13
C GLU A 371 -29.33 -6.91 4.90
N ILE A 372 -28.19 -6.23 5.00
CA ILE A 372 -27.62 -5.50 3.86
C ILE A 372 -27.07 -6.48 2.84
N ILE A 373 -26.38 -7.54 3.30
CA ILE A 373 -25.82 -8.55 2.40
C ILE A 373 -26.90 -9.22 1.54
N THR A 374 -28.01 -9.65 2.14
CA THR A 374 -29.09 -10.30 1.38
C THR A 374 -29.70 -9.34 0.34
N ASN A 375 -29.90 -8.06 0.72
CA ASN A 375 -30.48 -7.05 -0.16
C ASN A 375 -29.46 -6.42 -1.13
N GLN A 376 -28.30 -7.06 -1.32
CA GLN A 376 -27.25 -6.57 -2.21
C GLN A 376 -26.81 -7.61 -3.23
N ILE A 377 -26.73 -8.90 -2.84
CA ILE A 377 -26.29 -9.98 -3.74
C ILE A 377 -26.97 -9.94 -5.13
N PRO A 378 -28.31 -9.80 -5.26
CA PRO A 378 -28.90 -9.75 -6.61
C PRO A 378 -28.89 -8.37 -7.28
N LYS A 379 -28.38 -7.34 -6.61
CA LYS A 379 -28.29 -5.99 -7.19
C LYS A 379 -27.01 -5.86 -8.02
N TYR A 380 -25.90 -6.48 -7.56
CA TYR A 380 -24.64 -6.45 -8.29
C TYR A 380 -24.74 -7.45 -9.46
N SER A 381 -25.27 -8.66 -9.19
CA SER A 381 -25.50 -9.68 -10.22
C SER A 381 -26.63 -9.30 -11.23
N ASN A 382 -27.22 -8.10 -11.07
CA ASN A 382 -28.26 -7.50 -11.92
C ASN A 382 -27.65 -6.40 -12.83
N GLY A 383 -26.48 -5.86 -12.47
CA GLY A 383 -25.85 -4.78 -13.23
C GLY A 383 -26.47 -3.42 -12.97
N ASN A 384 -27.48 -3.35 -12.06
CA ASN A 384 -28.17 -2.12 -11.69
C ASN A 384 -27.32 -1.37 -10.66
N ILE A 385 -26.03 -1.21 -10.96
CA ILE A 385 -25.12 -0.49 -10.11
C ILE A 385 -24.14 0.31 -10.98
N LYS A 386 -24.37 1.63 -11.05
CA LYS A 386 -23.55 2.57 -11.80
C LYS A 386 -22.39 3.05 -10.92
N LYS A 387 -21.22 2.45 -11.09
CA LYS A 387 -20.04 2.81 -10.34
C LYS A 387 -19.46 4.09 -10.94
N LEU A 388 -19.30 5.15 -10.13
CA LEU A 388 -18.80 6.43 -10.62
C LEU A 388 -17.28 6.47 -10.72
N LEU A 389 -16.75 6.96 -11.83
CA LEU A 389 -15.32 7.04 -12.05
C LEU A 389 -14.86 8.48 -12.27
N PHE A 390 -13.65 8.79 -11.84
CA PHE A 390 -13.05 10.10 -12.04
C PHE A 390 -12.24 10.12 -13.33
N HIS A 391 -11.56 9.00 -13.66
CA HIS A 391 -10.62 9.00 -14.76
C HIS A 391 -11.02 8.26 -16.04
N GLN A 392 -11.39 6.95 -16.00
CA GLN A 392 -11.69 6.27 -17.27
C GLN A 392 -12.97 6.78 -17.97
N LYS A 393 -14.09 6.85 -17.20
CA LYS A 393 -15.38 7.34 -17.68
C LYS A 393 -16.08 8.23 -16.61
N PRO B 34 8.63 -12.08 25.66
CA PRO B 34 7.63 -11.26 24.96
C PRO B 34 7.25 -9.95 25.68
N LYS B 35 8.01 -9.57 26.74
CA LYS B 35 7.77 -8.37 27.55
C LYS B 35 7.74 -7.13 26.69
N LEU B 36 6.63 -6.36 26.72
CA LEU B 36 6.53 -5.15 25.91
C LEU B 36 6.38 -3.87 26.72
N CYS B 37 7.03 -2.81 26.25
CA CYS B 37 7.00 -1.48 26.87
C CYS B 37 5.61 -0.90 26.78
N LEU B 38 5.04 -0.53 27.93
CA LEU B 38 3.70 0.03 27.94
C LEU B 38 3.60 1.39 27.24
N VAL B 39 4.75 2.07 27.00
CA VAL B 39 4.80 3.36 26.30
C VAL B 39 5.18 3.20 24.82
N CYS B 40 6.40 2.73 24.49
CA CYS B 40 6.83 2.63 23.11
C CYS B 40 6.64 1.28 22.43
N SER B 41 6.06 0.29 23.10
CA SER B 41 5.86 -1.07 22.58
C SER B 41 7.15 -1.82 22.16
N ASP B 42 8.33 -1.24 22.40
CA ASP B 42 9.59 -1.92 22.14
C ASP B 42 9.76 -2.94 23.31
N GLU B 43 10.58 -3.98 23.11
CA GLU B 43 10.83 -4.99 24.15
C GLU B 43 11.26 -4.32 25.48
N ALA B 44 10.38 -4.39 26.51
CA ALA B 44 10.63 -3.79 27.82
C ALA B 44 11.84 -4.43 28.51
N SER B 45 12.58 -3.65 29.30
CA SER B 45 13.77 -4.13 30.02
C SER B 45 13.55 -4.33 31.54
N GLY B 46 12.44 -3.83 32.06
CA GLY B 46 12.10 -4.01 33.46
C GLY B 46 10.95 -3.15 33.91
N CYS B 47 10.75 -3.09 35.21
CA CYS B 47 9.71 -2.29 35.83
C CYS B 47 10.37 -0.99 36.27
N HIS B 48 10.30 0.02 35.42
CA HIS B 48 10.91 1.32 35.64
C HIS B 48 9.93 2.38 36.09
N TYR B 49 10.23 3.04 37.24
CA TYR B 49 9.42 4.14 37.78
C TYR B 49 7.93 3.82 37.84
N GLY B 50 7.62 2.62 38.33
CA GLY B 50 6.26 2.10 38.49
C GLY B 50 5.67 1.34 37.32
N VAL B 51 6.19 1.52 36.09
CA VAL B 51 5.63 0.87 34.91
C VAL B 51 6.63 -0.02 34.19
N LEU B 52 6.15 -1.11 33.54
CA LEU B 52 7.00 -1.98 32.73
C LEU B 52 7.35 -1.24 31.45
N THR B 53 8.57 -0.72 31.36
CA THR B 53 9.01 0.03 30.17
C THR B 53 10.38 -0.43 29.68
N CYS B 54 10.80 0.01 28.48
CA CYS B 54 12.12 -0.26 27.97
C CYS B 54 13.13 0.74 28.60
N GLY B 55 14.41 0.53 28.37
CA GLY B 55 15.44 1.40 28.92
C GLY B 55 15.36 2.82 28.39
N SER B 56 14.99 2.98 27.10
CA SER B 56 14.92 4.28 26.44
C SER B 56 13.82 5.18 26.99
N CYS B 57 12.70 4.57 27.41
CA CYS B 57 11.56 5.32 27.98
C CYS B 57 11.82 5.68 29.44
N LYS B 58 12.58 4.85 30.16
CA LYS B 58 12.95 5.06 31.55
C LYS B 58 13.70 6.41 31.63
N VAL B 59 14.71 6.57 30.79
CA VAL B 59 15.53 7.77 30.78
C VAL B 59 14.80 8.93 30.13
N PHE B 60 13.88 8.68 29.16
CA PHE B 60 13.06 9.75 28.60
C PHE B 60 12.21 10.35 29.69
N PHE B 61 11.58 9.52 30.51
CA PHE B 61 10.72 9.96 31.58
C PHE B 61 11.50 10.74 32.65
N LYS B 62 12.56 10.13 33.22
CA LYS B 62 13.40 10.77 34.23
C LYS B 62 13.98 12.08 33.72
N ARG B 63 14.26 12.16 32.40
CA ARG B 63 14.78 13.38 31.81
C ARG B 63 13.66 14.42 31.75
N ALA B 64 12.55 14.12 31.05
CA ALA B 64 11.36 14.97 30.93
C ALA B 64 10.81 15.52 32.27
N VAL B 65 10.99 14.78 33.38
CA VAL B 65 10.50 15.25 34.68
C VAL B 65 11.46 16.30 35.23
N GLU B 66 12.76 15.94 35.35
CA GLU B 66 13.84 16.80 35.88
C GLU B 66 14.03 18.08 35.08
N GLY B 67 14.15 17.92 33.77
CA GLY B 67 14.29 19.05 32.88
C GLY B 67 12.89 19.61 32.71
N GLN B 68 12.62 20.75 33.34
CA GLN B 68 11.30 21.39 33.23
C GLN B 68 11.15 21.89 31.77
N HIS B 69 10.48 21.05 30.91
CA HIS B 69 10.32 21.26 29.47
C HIS B 69 8.95 21.72 29.04
N ASN B 70 8.92 22.49 27.95
CA ASN B 70 7.69 22.94 27.31
C ASN B 70 7.53 22.08 26.06
N TYR B 71 7.12 20.82 26.26
CA TYR B 71 6.96 19.90 25.15
C TYR B 71 5.67 20.25 24.43
N LEU B 72 5.79 20.72 23.19
CA LEU B 72 4.63 21.10 22.40
C LEU B 72 4.35 20.01 21.37
N CYS B 73 3.09 19.65 21.18
CA CYS B 73 2.72 18.64 20.20
C CYS B 73 2.47 19.31 18.86
N ALA B 74 2.95 18.68 17.76
CA ALA B 74 2.74 19.22 16.42
C ALA B 74 1.41 18.73 15.76
N GLY B 75 0.76 17.73 16.36
CA GLY B 75 -0.48 17.16 15.85
C GLY B 75 -1.69 17.49 16.69
N ARG B 76 -2.42 16.47 17.18
CA ARG B 76 -3.62 16.65 18.01
C ARG B 76 -3.47 16.01 19.39
N ASN B 77 -2.22 15.97 19.92
CA ASN B 77 -1.93 15.39 21.24
C ASN B 77 -2.33 13.93 21.38
N ASP B 78 -2.46 13.22 20.27
CA ASP B 78 -2.76 11.79 20.21
C ASP B 78 -1.75 11.08 19.31
N CYS B 79 -0.52 11.60 19.17
CA CYS B 79 0.50 11.01 18.31
C CYS B 79 0.78 9.57 18.71
N ILE B 80 1.09 8.72 17.73
CA ILE B 80 1.38 7.34 18.01
C ILE B 80 2.79 7.17 18.56
N ILE B 81 2.89 6.52 19.73
CA ILE B 81 4.17 6.28 20.34
C ILE B 81 4.51 4.84 20.18
N ASP B 82 5.35 4.54 19.21
CA ASP B 82 5.80 3.19 18.94
C ASP B 82 7.34 3.16 18.80
N LYS B 83 8.00 1.99 18.53
CA LYS B 83 9.47 1.97 18.49
C LYS B 83 10.04 2.93 17.48
N ILE B 84 9.45 2.96 16.30
CA ILE B 84 9.92 3.78 15.20
C ILE B 84 9.62 5.29 15.39
N ARG B 85 8.47 5.61 15.97
CA ARG B 85 8.07 7.00 16.15
C ARG B 85 8.10 7.51 17.60
N ARG B 86 8.97 6.95 18.49
CA ARG B 86 9.01 7.46 19.87
C ARG B 86 9.83 8.78 19.98
N LYS B 87 10.83 8.92 19.07
CA LYS B 87 11.70 10.10 18.97
C LYS B 87 10.90 11.33 18.50
N ASN B 88 9.71 11.11 17.87
CA ASN B 88 8.93 12.14 17.22
C ASN B 88 8.23 13.09 18.16
N CYS B 89 7.17 12.69 18.86
CA CYS B 89 6.45 13.62 19.70
C CYS B 89 6.79 13.45 21.16
N PRO B 90 7.72 14.26 21.69
CA PRO B 90 8.07 14.14 23.10
C PRO B 90 6.93 14.58 24.00
N ALA B 91 6.06 15.48 23.53
CA ALA B 91 4.91 15.92 24.29
C ALA B 91 3.97 14.74 24.52
N CYS B 92 3.74 13.90 23.48
CA CYS B 92 2.88 12.72 23.51
C CYS B 92 3.53 11.51 24.17
N ARG B 93 4.86 11.44 24.12
CA ARG B 93 5.56 10.36 24.79
C ARG B 93 5.49 10.63 26.29
N TYR B 94 5.78 11.87 26.73
CA TYR B 94 5.69 12.26 28.14
C TYR B 94 4.26 12.11 28.67
N ARG B 95 3.25 12.32 27.82
N ARG B 95 3.26 12.33 27.80
CA ARG B 95 1.86 12.17 28.21
CA ARG B 95 1.84 12.20 28.09
C ARG B 95 1.53 10.69 28.38
C ARG B 95 1.52 10.71 28.35
N LYS B 96 2.04 9.83 27.48
CA LYS B 96 1.82 8.38 27.54
C LYS B 96 2.50 7.74 28.76
N CYS B 97 3.67 8.28 29.16
CA CYS B 97 4.47 7.87 30.32
C CYS B 97 3.67 8.16 31.55
N LEU B 98 3.12 9.39 31.68
CA LEU B 98 2.32 9.75 32.84
C LEU B 98 0.96 9.05 32.88
N GLN B 99 0.46 8.59 31.71
CA GLN B 99 -0.80 7.88 31.65
C GLN B 99 -0.62 6.44 32.13
N ALA B 100 0.45 5.76 31.67
CA ALA B 100 0.75 4.40 32.12
C ALA B 100 0.90 4.31 33.65
N GLY B 101 1.26 5.41 34.29
CA GLY B 101 1.38 5.49 35.73
C GLY B 101 2.80 5.69 36.19
N MET B 102 3.58 6.46 35.44
CA MET B 102 4.95 6.71 35.83
C MET B 102 5.06 7.82 36.85
N ASN B 103 6.02 7.69 37.76
CA ASN B 103 6.25 8.66 38.84
C ASN B 103 7.60 8.41 39.51
N LEU B 104 8.12 9.42 40.22
CA LEU B 104 9.40 9.30 40.88
C LEU B 104 9.20 9.37 42.37
N PRO B 142 34.98 -27.54 4.59
CA PRO B 142 35.75 -26.29 4.53
C PRO B 142 35.15 -25.19 3.68
N GLN B 143 33.88 -25.35 3.25
CA GLN B 143 33.09 -24.42 2.40
C GLN B 143 33.38 -24.59 0.88
N LEU B 144 34.23 -25.56 0.50
CA LEU B 144 34.57 -25.77 -0.91
C LEU B 144 33.42 -26.34 -1.73
N THR B 145 32.50 -27.06 -1.10
CA THR B 145 31.33 -27.60 -1.77
C THR B 145 30.35 -26.45 -2.02
N PRO B 146 30.06 -26.17 -3.30
CA PRO B 146 29.12 -25.10 -3.59
C PRO B 146 27.69 -25.58 -3.48
N THR B 147 26.86 -24.77 -2.84
CA THR B 147 25.44 -25.07 -2.70
C THR B 147 24.74 -24.60 -3.95
N LEU B 148 23.53 -25.08 -4.20
CA LEU B 148 22.75 -24.66 -5.36
C LEU B 148 22.53 -23.16 -5.42
N VAL B 149 22.25 -22.55 -4.26
CA VAL B 149 21.99 -21.11 -4.15
C VAL B 149 23.27 -20.29 -4.35
N SER B 150 24.44 -20.85 -3.99
CA SER B 150 25.72 -20.17 -4.23
C SER B 150 25.96 -20.02 -5.74
N LEU B 151 25.49 -20.98 -6.56
CA LEU B 151 25.62 -20.89 -8.00
C LEU B 151 24.74 -19.80 -8.52
N LEU B 152 23.48 -19.73 -8.08
CA LEU B 152 22.57 -18.69 -8.53
C LEU B 152 23.10 -17.27 -8.28
N GLU B 153 23.89 -17.11 -7.19
CA GLU B 153 24.49 -15.85 -6.79
C GLU B 153 25.52 -15.36 -7.78
N VAL B 154 26.29 -16.30 -8.36
CA VAL B 154 27.36 -15.98 -9.31
C VAL B 154 26.80 -15.62 -10.68
N ILE B 155 25.85 -16.42 -11.17
CA ILE B 155 25.21 -16.20 -12.45
C ILE B 155 24.19 -15.06 -12.45
N GLU B 156 23.90 -14.43 -11.29
CA GLU B 156 22.94 -13.34 -11.23
C GLU B 156 23.46 -12.17 -12.08
N PRO B 157 22.66 -11.72 -13.06
CA PRO B 157 23.14 -10.69 -14.00
C PRO B 157 23.56 -9.36 -13.38
N GLU B 158 24.47 -8.67 -14.06
CA GLU B 158 24.96 -7.37 -13.63
C GLU B 158 23.89 -6.28 -13.90
N VAL B 159 23.99 -5.16 -13.22
CA VAL B 159 23.07 -4.04 -13.42
C VAL B 159 23.43 -3.34 -14.74
N LEU B 160 22.44 -3.05 -15.58
CA LEU B 160 22.71 -2.36 -16.85
C LEU B 160 22.31 -0.87 -16.82
N TYR B 161 22.78 -0.08 -17.79
CA TYR B 161 22.49 1.35 -17.84
C TYR B 161 21.55 1.70 -18.98
N ALA B 162 20.47 2.43 -18.68
CA ALA B 162 19.48 2.81 -19.68
C ALA B 162 20.05 3.69 -20.79
N GLY B 163 21.03 4.50 -20.46
CA GLY B 163 21.63 5.42 -21.41
C GLY B 163 20.72 6.60 -21.65
N TYR B 164 20.10 7.09 -20.56
CA TYR B 164 19.14 8.19 -20.57
C TYR B 164 19.85 9.53 -20.35
N ASP B 165 19.75 10.46 -21.32
CA ASP B 165 20.34 11.77 -21.15
C ASP B 165 19.34 12.61 -20.36
N SER B 166 19.65 12.91 -19.09
CA SER B 166 18.75 13.71 -18.24
C SER B 166 18.85 15.21 -18.46
N SER B 167 19.66 15.65 -19.44
CA SER B 167 19.78 17.07 -19.73
C SER B 167 18.65 17.58 -20.67
N VAL B 168 17.69 16.70 -21.04
CA VAL B 168 16.57 17.03 -21.93
C VAL B 168 15.28 16.66 -21.19
N PRO B 169 14.25 17.52 -21.20
CA PRO B 169 13.00 17.20 -20.47
C PRO B 169 12.44 15.78 -20.70
N ASP B 170 11.67 15.28 -19.72
CA ASP B 170 11.11 13.94 -19.81
C ASP B 170 9.91 13.86 -20.74
N SER B 171 9.67 12.67 -21.28
CA SER B 171 8.54 12.38 -22.16
C SER B 171 8.09 10.96 -21.91
N THR B 172 6.80 10.68 -22.17
CA THR B 172 6.28 9.31 -22.04
C THR B 172 6.93 8.46 -23.13
N TRP B 173 7.03 9.01 -24.36
CA TRP B 173 7.66 8.33 -25.47
C TRP B 173 9.13 8.05 -25.17
N ARG B 174 9.89 9.08 -24.77
CA ARG B 174 11.32 8.97 -24.48
C ARG B 174 11.60 7.97 -23.36
N ILE B 175 10.79 7.97 -22.30
CA ILE B 175 11.00 7.07 -21.18
C ILE B 175 10.64 5.62 -21.57
N MET B 176 9.41 5.37 -22.06
CA MET B 176 9.03 4.00 -22.46
C MET B 176 9.96 3.41 -23.51
N THR B 177 10.46 4.24 -24.43
CA THR B 177 11.37 3.77 -25.49
C THR B 177 12.74 3.44 -24.94
N THR B 178 13.28 4.26 -24.02
CA THR B 178 14.57 3.98 -23.40
C THR B 178 14.47 2.72 -22.56
N LEU B 179 13.36 2.57 -21.80
CA LEU B 179 13.15 1.40 -20.98
C LEU B 179 12.92 0.16 -21.81
N ASN B 180 12.30 0.28 -22.99
CA ASN B 180 12.13 -0.88 -23.86
C ASN B 180 13.51 -1.30 -24.38
N MET B 181 14.36 -0.34 -24.77
CA MET B 181 15.73 -0.60 -25.24
C MET B 181 16.60 -1.27 -24.18
N LEU B 182 16.54 -0.78 -22.93
CA LEU B 182 17.29 -1.39 -21.84
C LEU B 182 16.70 -2.78 -21.55
N GLY B 183 15.37 -2.87 -21.52
CA GLY B 183 14.64 -4.11 -21.30
C GLY B 183 15.01 -5.21 -22.26
N GLY B 184 15.29 -4.84 -23.49
CA GLY B 184 15.71 -5.80 -24.51
C GLY B 184 17.04 -6.42 -24.17
N ARG B 185 17.97 -5.59 -23.66
CA ARG B 185 19.29 -6.00 -23.23
C ARG B 185 19.22 -6.83 -21.96
N GLN B 186 18.32 -6.46 -21.02
CA GLN B 186 18.08 -7.22 -19.79
C GLN B 186 17.52 -8.59 -20.16
N MET B 187 16.65 -8.65 -21.17
CA MET B 187 16.12 -9.92 -21.68
C MET B 187 17.20 -10.84 -22.29
N ILE B 188 18.26 -10.29 -22.89
CA ILE B 188 19.36 -11.09 -23.41
C ILE B 188 20.13 -11.70 -22.22
N ALA B 189 20.40 -10.89 -21.18
CA ALA B 189 21.09 -11.33 -19.98
C ALA B 189 20.33 -12.43 -19.24
N ALA B 190 18.98 -12.44 -19.35
CA ALA B 190 18.13 -13.48 -18.78
C ALA B 190 18.36 -14.80 -19.49
N VAL B 191 18.69 -14.78 -20.79
CA VAL B 191 18.97 -15.97 -21.57
C VAL B 191 20.28 -16.56 -21.12
N LYS B 192 21.34 -15.74 -21.00
CA LYS B 192 22.61 -16.24 -20.50
C LYS B 192 22.45 -16.77 -19.05
N TRP B 193 21.66 -16.09 -18.23
CA TRP B 193 21.40 -16.52 -16.86
C TRP B 193 20.65 -17.86 -16.81
N ALA B 194 19.61 -18.03 -17.64
CA ALA B 194 18.85 -19.28 -17.67
C ALA B 194 19.74 -20.40 -18.18
N LYS B 195 20.55 -20.13 -19.22
CA LYS B 195 21.51 -21.09 -19.77
C LYS B 195 22.50 -21.62 -18.74
N ALA B 196 22.58 -21.00 -17.55
CA ALA B 196 23.50 -21.38 -16.52
C ALA B 196 22.84 -21.88 -15.24
N ILE B 197 21.52 -21.96 -15.19
CA ILE B 197 20.83 -22.44 -14.00
C ILE B 197 20.99 -23.94 -13.96
N PRO B 198 21.49 -24.48 -12.82
CA PRO B 198 21.72 -25.93 -12.73
C PRO B 198 20.48 -26.78 -13.05
N GLY B 199 20.60 -27.58 -14.11
CA GLY B 199 19.48 -28.40 -14.54
C GLY B 199 18.62 -27.76 -15.61
N PHE B 200 18.78 -26.45 -15.85
CA PHE B 200 17.98 -25.79 -16.88
C PHE B 200 18.55 -26.14 -18.24
N ARG B 201 19.87 -26.07 -18.39
CA ARG B 201 20.52 -26.43 -19.65
C ARG B 201 20.20 -27.90 -20.07
N ASN B 202 19.92 -28.76 -19.06
CA ASN B 202 19.54 -30.18 -19.17
C ASN B 202 18.19 -30.40 -19.85
N LEU B 203 17.30 -29.39 -19.80
CA LEU B 203 15.99 -29.46 -20.43
C LEU B 203 16.13 -29.44 -21.95
N HIS B 204 15.10 -29.87 -22.66
CA HIS B 204 15.06 -29.84 -24.12
C HIS B 204 15.13 -28.38 -24.59
N LEU B 205 15.88 -28.07 -25.67
CA LEU B 205 16.02 -26.69 -26.12
C LEU B 205 14.68 -26.01 -26.42
N ASP B 206 13.70 -26.75 -27.00
CA ASP B 206 12.37 -26.18 -27.27
C ASP B 206 11.50 -25.98 -26.02
N ASP B 207 12.05 -26.28 -24.83
CA ASP B 207 11.46 -26.05 -23.53
C ASP B 207 12.24 -24.92 -22.88
N GLN B 208 13.59 -24.93 -22.99
CA GLN B 208 14.46 -23.87 -22.47
C GLN B 208 14.04 -22.49 -23.03
N MET B 209 13.55 -22.45 -24.28
CA MET B 209 13.08 -21.21 -24.93
C MET B 209 11.59 -20.94 -24.71
N THR B 210 10.80 -21.96 -24.38
CA THR B 210 9.40 -21.85 -24.06
C THR B 210 9.25 -21.23 -22.68
N LEU B 211 10.04 -21.72 -21.69
CA LEU B 211 10.05 -21.22 -20.32
C LEU B 211 10.57 -19.79 -20.29
N LEU B 212 11.58 -19.47 -21.11
CA LEU B 212 12.13 -18.13 -21.21
C LEU B 212 11.06 -17.16 -21.76
N GLN B 213 10.33 -17.58 -22.80
CA GLN B 213 9.27 -16.77 -23.40
C GLN B 213 8.09 -16.55 -22.46
N TYR B 214 7.65 -17.58 -21.72
CA TYR B 214 6.50 -17.45 -20.82
C TYR B 214 6.74 -16.50 -19.64
N SER B 215 7.90 -16.65 -19.00
CA SER B 215 8.23 -15.91 -17.80
C SER B 215 9.02 -14.65 -18.01
N TRP B 216 9.30 -14.23 -19.24
CA TRP B 216 10.12 -13.06 -19.49
C TRP B 216 9.72 -11.80 -18.68
N MET B 217 8.42 -11.44 -18.63
CA MET B 217 7.98 -10.28 -17.86
C MET B 217 7.99 -10.53 -16.36
N SER B 218 7.78 -11.79 -15.96
CA SER B 218 7.80 -12.20 -14.56
C SER B 218 9.20 -11.99 -14.00
N LEU B 219 10.23 -12.40 -14.76
CA LEU B 219 11.62 -12.26 -14.39
C LEU B 219 11.99 -10.79 -14.32
N MET B 220 11.66 -10.00 -15.35
CA MET B 220 12.03 -8.58 -15.38
C MET B 220 11.37 -7.73 -14.29
N ALA B 221 10.07 -8.00 -13.99
CA ALA B 221 9.30 -7.27 -12.97
C ALA B 221 9.80 -7.63 -11.60
N PHE B 222 10.10 -8.92 -11.36
CA PHE B 222 10.60 -9.36 -10.09
C PHE B 222 12.01 -8.81 -9.85
N ALA B 223 12.86 -8.78 -10.89
CA ALA B 223 14.22 -8.28 -10.74
C ALA B 223 14.24 -6.79 -10.55
N LEU B 224 13.32 -6.07 -11.23
CA LEU B 224 13.14 -4.63 -11.10
C LEU B 224 12.64 -4.33 -9.69
N GLY B 225 11.64 -5.09 -9.23
CA GLY B 225 11.05 -4.96 -7.90
C GLY B 225 12.08 -5.13 -6.80
N TRP B 226 13.02 -6.05 -7.00
CA TRP B 226 14.08 -6.29 -6.04
C TRP B 226 15.01 -5.08 -6.04
N ARG B 227 15.34 -4.54 -7.20
CA ARG B 227 16.22 -3.40 -7.31
C ARG B 227 15.60 -2.14 -6.70
N SER B 228 14.28 -1.98 -6.82
CA SER B 228 13.56 -0.84 -6.25
C SER B 228 13.49 -0.96 -4.73
N TYR B 229 13.23 -2.17 -4.24
CA TYR B 229 13.18 -2.47 -2.81
C TYR B 229 14.56 -2.24 -2.20
N ARG B 230 15.61 -2.73 -2.86
CA ARG B 230 16.96 -2.59 -2.36
C ARG B 230 17.48 -1.16 -2.40
N GLN B 231 17.21 -0.42 -3.49
CA GLN B 231 17.78 0.92 -3.63
C GLN B 231 17.00 2.04 -2.97
N SER B 232 16.03 1.72 -2.12
CA SER B 232 15.24 2.71 -1.38
C SER B 232 14.18 1.98 -0.49
N SER B 233 12.99 1.77 -1.04
CA SER B 233 11.82 1.11 -0.48
C SER B 233 10.76 0.99 -1.64
N ALA B 234 9.53 0.53 -1.32
CA ALA B 234 8.40 0.39 -2.27
C ALA B 234 8.04 1.64 -3.13
N ASN B 235 8.15 2.87 -2.54
CA ASN B 235 7.76 4.20 -3.03
C ASN B 235 8.20 4.65 -4.46
N LEU B 236 9.24 4.04 -5.09
CA LEU B 236 9.67 4.42 -6.45
C LEU B 236 10.07 3.18 -7.33
N LEU B 237 10.43 3.38 -8.65
CA LEU B 237 10.83 2.28 -9.53
C LEU B 237 12.24 2.42 -10.03
N CYS B 238 13.20 1.78 -9.37
CA CYS B 238 14.60 1.82 -9.79
C CYS B 238 14.91 0.95 -11.09
N PHE B 239 14.52 1.45 -12.29
CA PHE B 239 14.68 0.74 -13.58
C PHE B 239 16.11 0.55 -14.07
N ALA B 240 16.95 1.54 -13.80
CA ALA B 240 18.37 1.58 -14.16
C ALA B 240 19.05 2.56 -13.21
N PRO B 241 20.36 2.48 -12.96
CA PRO B 241 21.00 3.47 -12.05
C PRO B 241 20.79 4.92 -12.49
N ASP B 242 20.59 5.12 -13.80
CA ASP B 242 20.41 6.41 -14.44
C ASP B 242 18.94 6.74 -14.79
N LEU B 243 18.01 5.77 -14.70
CA LEU B 243 16.60 6.02 -15.00
C LEU B 243 15.69 5.50 -13.91
N ILE B 244 15.46 6.31 -12.88
CA ILE B 244 14.57 5.95 -11.79
C ILE B 244 13.22 6.66 -12.02
N ILE B 245 12.09 6.00 -11.75
CA ILE B 245 10.78 6.60 -11.97
C ILE B 245 10.18 7.16 -10.67
N ASN B 246 10.28 8.48 -10.53
CA ASN B 246 9.77 9.20 -9.38
C ASN B 246 8.28 9.59 -9.59
N GLU B 247 7.63 10.18 -8.56
CA GLU B 247 6.21 10.55 -8.62
C GLU B 247 5.88 11.53 -9.77
N GLN B 248 6.73 12.56 -10.01
CA GLN B 248 6.49 13.50 -11.10
C GLN B 248 6.57 12.81 -12.48
N ARG B 249 7.40 11.75 -12.60
CA ARG B 249 7.61 10.96 -13.82
C ARG B 249 6.45 9.97 -14.03
N MET B 250 5.97 9.37 -12.95
CA MET B 250 4.86 8.43 -12.92
C MET B 250 3.54 9.06 -13.43
N THR B 251 3.30 10.37 -13.18
CA THR B 251 2.08 11.02 -13.63
C THR B 251 2.16 11.59 -15.05
N LEU B 252 3.10 11.08 -15.86
CA LEU B 252 3.18 11.47 -17.27
C LEU B 252 2.07 10.67 -18.00
N PRO B 253 1.59 11.11 -19.19
CA PRO B 253 0.52 10.36 -19.88
C PRO B 253 0.79 8.87 -20.05
N ASP B 254 -0.19 8.03 -19.72
CA ASP B 254 -0.12 6.56 -19.84
C ASP B 254 0.82 5.86 -18.86
N MET B 255 1.70 6.59 -18.17
CA MET B 255 2.69 5.98 -17.29
C MET B 255 2.16 5.34 -15.99
N TYR B 256 1.31 6.06 -15.24
CA TYR B 256 0.75 5.66 -13.93
C TYR B 256 0.31 4.20 -13.80
N ASP B 257 -0.63 3.73 -14.65
CA ASP B 257 -1.19 2.38 -14.56
C ASP B 257 -0.15 1.30 -14.75
N GLN B 258 0.81 1.50 -15.66
CA GLN B 258 1.86 0.49 -15.88
C GLN B 258 2.87 0.42 -14.71
N CYS B 259 3.18 1.57 -14.11
CA CYS B 259 4.09 1.65 -12.97
C CYS B 259 3.44 0.99 -11.75
N LYS B 260 2.12 1.16 -11.56
CA LYS B 260 1.33 0.61 -10.46
C LYS B 260 1.55 -0.88 -10.22
N HIS B 261 1.77 -1.63 -11.29
CA HIS B 261 1.98 -3.07 -11.18
C HIS B 261 3.41 -3.38 -10.73
N MET B 262 4.38 -2.65 -11.27
CA MET B 262 5.78 -2.83 -10.92
C MET B 262 5.99 -2.47 -9.43
N LEU B 263 5.37 -1.36 -9.00
CA LEU B 263 5.38 -0.83 -7.64
C LEU B 263 4.90 -1.84 -6.62
N TYR B 264 3.94 -2.69 -7.00
CA TYR B 264 3.40 -3.70 -6.13
C TYR B 264 4.47 -4.73 -5.77
N VAL B 265 5.25 -5.18 -6.76
CA VAL B 265 6.32 -6.14 -6.57
C VAL B 265 7.35 -5.63 -5.57
N SER B 266 7.73 -4.35 -5.63
CA SER B 266 8.67 -3.79 -4.66
C SER B 266 8.02 -3.66 -3.29
N SER B 267 6.71 -3.35 -3.26
CA SER B 267 5.95 -3.21 -2.03
C SER B 267 5.88 -4.52 -1.25
N GLU B 268 5.60 -5.64 -1.92
CA GLU B 268 5.54 -6.94 -1.27
C GLU B 268 6.91 -7.39 -0.83
N LEU B 269 7.94 -7.16 -1.66
CA LEU B 269 9.31 -7.50 -1.28
C LEU B 269 9.72 -6.74 -0.03
N HIS B 270 9.26 -5.50 0.11
CA HIS B 270 9.53 -4.66 1.27
C HIS B 270 8.76 -5.15 2.50
N ARG B 271 7.43 -5.32 2.36
CA ARG B 271 6.47 -5.80 3.35
C ARG B 271 6.96 -7.09 3.96
N LEU B 272 7.55 -7.98 3.14
CA LEU B 272 8.06 -9.25 3.60
C LEU B 272 9.53 -9.22 4.01
N GLN B 273 10.30 -8.19 3.68
CA GLN B 273 11.74 -8.07 3.99
C GLN B 273 12.50 -9.31 3.52
N VAL B 274 12.32 -9.62 2.24
CA VAL B 274 12.89 -10.75 1.54
C VAL B 274 14.41 -10.70 1.49
N SER B 275 15.05 -11.86 1.65
CA SER B 275 16.50 -12.07 1.63
C SER B 275 17.03 -12.06 0.18
N TYR B 276 18.37 -11.96 -0.01
CA TYR B 276 18.94 -12.08 -1.34
C TYR B 276 18.83 -13.56 -1.73
N GLU B 277 19.24 -14.50 -0.84
CA GLU B 277 19.16 -15.95 -1.07
C GLU B 277 17.73 -16.40 -1.35
N GLU B 278 16.72 -15.67 -0.83
CA GLU B 278 15.30 -15.98 -1.03
C GLU B 278 14.87 -15.44 -2.38
N TYR B 279 15.30 -14.21 -2.71
CA TYR B 279 15.02 -13.58 -3.99
C TYR B 279 15.58 -14.47 -5.13
N LEU B 280 16.86 -14.90 -5.03
CA LEU B 280 17.56 -15.73 -6.02
C LEU B 280 16.77 -16.97 -6.33
N CYS B 281 16.28 -17.64 -5.27
CA CYS B 281 15.50 -18.86 -5.41
C CYS B 281 14.14 -18.59 -6.02
N MET B 282 13.48 -17.48 -5.61
CA MET B 282 12.15 -17.13 -6.11
C MET B 282 12.16 -16.80 -7.58
N LYS B 283 13.21 -16.13 -8.05
CA LYS B 283 13.36 -15.76 -9.46
C LYS B 283 13.55 -17.00 -10.32
N THR B 284 14.29 -17.99 -9.82
CA THR B 284 14.46 -19.25 -10.52
C THR B 284 13.10 -19.97 -10.63
N LEU B 285 12.29 -19.90 -9.57
CA LEU B 285 10.94 -20.47 -9.57
C LEU B 285 9.99 -19.70 -10.48
N LEU B 286 10.26 -18.40 -10.71
CA LEU B 286 9.47 -17.59 -11.63
C LEU B 286 9.76 -17.98 -13.07
N LEU B 287 10.99 -18.41 -13.39
CA LEU B 287 11.36 -18.92 -14.71
C LEU B 287 10.63 -20.28 -14.99
N LEU B 288 10.45 -21.07 -13.91
CA LEU B 288 9.77 -22.35 -13.91
C LEU B 288 8.33 -22.16 -13.38
N SER B 289 7.68 -21.00 -13.65
CA SER B 289 6.33 -20.76 -13.16
C SER B 289 5.25 -21.02 -14.22
N SER B 290 5.54 -20.74 -15.49
CA SER B 290 4.58 -20.98 -16.56
C SER B 290 5.04 -22.14 -17.44
N VAL B 291 4.11 -23.03 -17.82
CA VAL B 291 4.38 -24.19 -18.68
C VAL B 291 3.32 -24.30 -19.80
N PRO B 292 3.53 -25.13 -20.86
CA PRO B 292 2.49 -25.24 -21.89
C PRO B 292 1.29 -26.04 -21.39
N LYS B 293 0.10 -25.73 -21.91
CA LYS B 293 -1.14 -26.41 -21.57
C LYS B 293 -1.02 -27.88 -21.95
N ASP B 294 -0.41 -28.20 -23.12
CA ASP B 294 -0.20 -29.59 -23.56
C ASP B 294 1.07 -30.26 -22.95
N GLY B 295 1.64 -29.63 -21.90
CA GLY B 295 2.82 -30.11 -21.19
C GLY B 295 4.13 -29.88 -21.93
N LEU B 296 5.24 -29.81 -21.19
CA LEU B 296 6.56 -29.62 -21.79
C LEU B 296 7.10 -30.95 -22.39
N LYS B 297 8.00 -30.83 -23.38
CA LYS B 297 8.66 -31.97 -24.02
C LYS B 297 9.58 -32.75 -23.03
N SER B 298 10.01 -32.07 -21.94
CA SER B 298 10.84 -32.63 -20.86
C SER B 298 10.08 -32.41 -19.53
N GLN B 299 8.82 -32.90 -19.45
CA GLN B 299 8.01 -32.70 -18.24
C GLN B 299 8.49 -33.55 -17.05
N GLU B 300 9.12 -34.71 -17.32
CA GLU B 300 9.65 -35.56 -16.25
C GLU B 300 10.73 -34.78 -15.48
N LEU B 301 11.67 -34.18 -16.23
CA LEU B 301 12.79 -33.41 -15.73
C LEU B 301 12.39 -32.05 -15.21
N PHE B 302 11.49 -31.30 -15.90
CA PHE B 302 11.06 -29.99 -15.43
C PHE B 302 10.45 -30.08 -14.03
N ASP B 303 9.54 -31.05 -13.81
CA ASP B 303 8.88 -31.27 -12.51
C ASP B 303 9.92 -31.56 -11.42
N GLU B 304 11.00 -32.26 -11.77
CA GLU B 304 12.09 -32.59 -10.86
C GLU B 304 12.96 -31.36 -10.56
N ILE B 305 13.23 -30.51 -11.58
CA ILE B 305 14.02 -29.29 -11.40
C ILE B 305 13.25 -28.33 -10.52
N ARG B 306 11.95 -28.17 -10.78
CA ARG B 306 11.10 -27.25 -10.05
C ARG B 306 11.06 -27.55 -8.55
N MET B 307 10.75 -28.80 -8.16
CA MET B 307 10.73 -29.16 -6.75
C MET B 307 12.09 -29.09 -6.08
N THR B 308 13.17 -29.10 -6.85
CA THR B 308 14.50 -28.94 -6.30
C THR B 308 14.66 -27.49 -5.86
N TYR B 309 14.18 -26.53 -6.66
CA TYR B 309 14.26 -25.11 -6.32
C TYR B 309 13.24 -24.74 -5.26
N ILE B 310 12.10 -25.47 -5.15
CA ILE B 310 11.13 -25.21 -4.09
C ILE B 310 11.78 -25.58 -2.76
N LYS B 311 12.48 -26.73 -2.73
CA LYS B 311 13.23 -27.18 -1.56
C LYS B 311 14.34 -26.18 -1.22
N GLU B 312 14.97 -25.59 -2.25
CA GLU B 312 16.06 -24.60 -2.13
C GLU B 312 15.59 -23.30 -1.53
N LEU B 313 14.36 -22.89 -1.87
CA LEU B 313 13.73 -21.70 -1.31
C LEU B 313 13.49 -21.95 0.17
N GLY B 314 13.03 -23.14 0.53
CA GLY B 314 12.82 -23.54 1.92
C GLY B 314 14.10 -23.49 2.72
N LYS B 315 15.21 -23.97 2.13
CA LYS B 315 16.52 -23.95 2.76
C LYS B 315 16.94 -22.52 3.06
N ALA B 316 16.62 -21.57 2.16
CA ALA B 316 16.95 -20.16 2.35
C ALA B 316 16.06 -19.46 3.40
N ILE B 317 14.87 -19.99 3.65
CA ILE B 317 13.95 -19.53 4.71
C ILE B 317 14.47 -20.08 6.07
N VAL B 318 15.06 -21.29 6.08
CA VAL B 318 15.63 -21.92 7.27
C VAL B 318 16.74 -21.02 7.83
N LYS B 319 17.63 -20.55 6.95
CA LYS B 319 18.76 -19.68 7.29
C LYS B 319 18.38 -18.40 8.03
N ARG B 320 17.08 -18.04 8.03
CA ARG B 320 16.57 -16.87 8.72
C ARG B 320 16.20 -17.20 10.20
N GLU B 321 14.95 -16.88 10.64
CA GLU B 321 14.44 -17.08 12.01
C GLU B 321 14.72 -18.50 12.56
N GLY B 322 14.14 -19.54 11.97
CA GLY B 322 14.35 -20.89 12.42
C GLY B 322 13.27 -21.54 13.26
N ASN B 323 12.13 -20.84 13.57
CA ASN B 323 11.04 -21.49 14.34
C ASN B 323 10.15 -22.22 13.35
N SER B 324 9.78 -23.51 13.62
CA SER B 324 8.97 -24.36 12.74
C SER B 324 7.75 -23.65 12.10
N SER B 325 6.90 -23.01 12.92
CA SER B 325 5.72 -22.32 12.43
C SER B 325 6.10 -21.02 11.72
N GLN B 326 7.12 -20.31 12.22
CA GLN B 326 7.62 -19.10 11.56
C GLN B 326 8.10 -19.43 10.15
N ASN B 327 8.80 -20.55 10.02
CA ASN B 327 9.31 -21.01 8.76
C ASN B 327 8.19 -21.42 7.83
N TRP B 328 7.16 -22.11 8.35
CA TRP B 328 6.03 -22.50 7.52
C TRP B 328 5.27 -21.28 7.03
N GLN B 329 5.02 -20.32 7.93
CA GLN B 329 4.31 -19.10 7.56
C GLN B 329 5.07 -18.31 6.56
N ARG B 330 6.39 -18.22 6.70
CA ARG B 330 7.21 -17.49 5.73
C ARG B 330 7.12 -18.16 4.34
N PHE B 331 7.08 -19.48 4.27
CA PHE B 331 6.92 -20.20 3.01
C PHE B 331 5.54 -19.91 2.41
N TYR B 332 4.51 -19.82 3.25
CA TYR B 332 3.14 -19.49 2.80
C TYR B 332 3.13 -18.10 2.12
N GLN B 333 3.66 -17.07 2.80
CA GLN B 333 3.71 -15.70 2.29
C GLN B 333 4.59 -15.60 1.05
N LEU B 334 5.78 -16.19 1.06
CA LEU B 334 6.66 -16.17 -0.11
C LEU B 334 6.01 -16.84 -1.32
N THR B 335 5.43 -18.04 -1.15
CA THR B 335 4.75 -18.72 -2.25
C THR B 335 3.43 -18.06 -2.65
N LYS B 336 2.87 -17.20 -1.80
CA LYS B 336 1.67 -16.46 -2.16
C LYS B 336 2.08 -15.33 -3.12
N LEU B 337 3.27 -14.70 -2.89
CA LEU B 337 3.83 -13.67 -3.78
C LEU B 337 4.19 -14.31 -5.12
N LEU B 338 4.86 -15.48 -5.12
CA LEU B 338 5.20 -16.18 -6.37
C LEU B 338 3.95 -16.47 -7.20
N ASP B 339 2.83 -16.72 -6.53
CA ASP B 339 1.56 -16.92 -7.20
C ASP B 339 1.00 -15.63 -7.78
N SER B 340 0.94 -14.55 -6.97
CA SER B 340 0.42 -13.26 -7.40
C SER B 340 1.15 -12.67 -8.60
N MET B 341 2.42 -13.09 -8.82
CA MET B 341 3.18 -12.63 -9.99
C MET B 341 2.52 -12.99 -11.32
N HIS B 342 1.56 -13.93 -11.34
CA HIS B 342 0.85 -14.31 -12.56
C HIS B 342 -0.17 -13.25 -12.94
N GLU B 343 -0.82 -12.62 -11.94
CA GLU B 343 -1.77 -11.54 -12.21
C GLU B 343 -1.01 -10.24 -12.48
N VAL B 344 0.12 -10.02 -11.77
CA VAL B 344 0.98 -8.86 -11.96
C VAL B 344 1.54 -8.88 -13.38
N VAL B 345 1.95 -10.06 -13.87
CA VAL B 345 2.46 -10.17 -15.23
C VAL B 345 1.33 -10.13 -16.25
N GLU B 346 0.16 -10.71 -15.96
CA GLU B 346 -1.00 -10.65 -16.87
C GLU B 346 -1.42 -9.19 -17.11
N ASN B 347 -1.41 -8.39 -16.04
CA ASN B 347 -1.77 -6.98 -16.10
C ASN B 347 -0.69 -6.11 -16.74
N LEU B 348 0.59 -6.48 -16.54
CA LEU B 348 1.72 -5.78 -17.16
C LEU B 348 1.72 -6.05 -18.68
N LEU B 349 1.41 -7.28 -19.08
CA LEU B 349 1.37 -7.66 -20.49
C LEU B 349 0.21 -7.02 -21.24
N ASN B 350 -0.98 -6.90 -20.63
CA ASN B 350 -2.14 -6.26 -21.28
C ASN B 350 -1.80 -4.86 -21.80
N TYR B 351 -1.08 -4.06 -20.98
CA TYR B 351 -0.67 -2.72 -21.40
C TYR B 351 0.47 -2.78 -22.40
N CYS B 352 1.41 -3.69 -22.22
CA CYS B 352 2.54 -3.83 -23.12
C CYS B 352 2.07 -4.18 -24.54
N PHE B 353 1.19 -5.18 -24.64
CA PHE B 353 0.62 -5.67 -25.90
C PHE B 353 -0.26 -4.61 -26.55
N GLN B 354 -0.98 -3.82 -25.75
CA GLN B 354 -1.82 -2.73 -26.25
C GLN B 354 -0.94 -1.67 -26.90
N THR B 355 0.20 -1.33 -26.24
CA THR B 355 1.15 -0.33 -26.72
C THR B 355 1.88 -0.79 -27.98
N PHE B 356 2.31 -2.06 -27.98
CA PHE B 356 3.00 -2.67 -29.10
C PHE B 356 2.19 -2.61 -30.39
N LEU B 357 0.86 -2.72 -30.28
CA LEU B 357 -0.03 -2.67 -31.43
C LEU B 357 -0.49 -1.25 -31.79
N ASP B 358 -0.45 -0.32 -30.82
CA ASP B 358 -0.88 1.08 -30.98
C ASP B 358 -0.17 1.85 -32.08
N LYS B 359 -0.94 2.42 -33.01
CA LYS B 359 -0.35 3.19 -34.11
C LYS B 359 -0.59 4.69 -33.96
N THR B 360 -0.47 5.17 -32.71
CA THR B 360 -0.60 6.58 -32.34
C THR B 360 0.54 6.95 -31.37
N MET B 361 0.88 6.03 -30.43
CA MET B 361 1.95 6.27 -29.47
C MET B 361 3.33 6.16 -30.15
N SER B 362 3.49 5.18 -31.06
CA SER B 362 4.72 4.95 -31.84
C SER B 362 5.99 4.62 -31.01
N ILE B 363 5.83 4.08 -29.79
CA ILE B 363 6.97 3.73 -28.94
C ILE B 363 7.72 2.54 -29.56
N GLU B 364 9.05 2.68 -29.77
CA GLU B 364 9.86 1.64 -30.39
C GLU B 364 10.40 0.58 -29.40
N PHE B 365 10.09 -0.69 -29.66
CA PHE B 365 10.56 -1.84 -28.89
C PHE B 365 11.78 -2.40 -29.59
N PRO B 366 12.78 -2.93 -28.88
CA PRO B 366 13.94 -3.53 -29.58
C PRO B 366 13.55 -4.84 -30.26
N GLU B 367 14.30 -5.28 -31.28
CA GLU B 367 13.96 -6.52 -32.00
C GLU B 367 13.92 -7.72 -31.07
N MET B 368 14.81 -7.74 -30.07
CA MET B 368 14.85 -8.80 -29.09
C MET B 368 13.47 -9.00 -28.40
N LEU B 369 12.87 -7.89 -27.93
CA LEU B 369 11.56 -7.93 -27.25
C LEU B 369 10.37 -7.98 -28.20
N ALA B 370 10.52 -7.48 -29.42
CA ALA B 370 9.44 -7.50 -30.40
C ALA B 370 9.11 -8.94 -30.81
N GLU B 371 10.16 -9.78 -30.95
CA GLU B 371 10.04 -11.18 -31.31
C GLU B 371 9.23 -11.91 -30.24
N ILE B 372 9.52 -11.64 -28.95
CA ILE B 372 8.80 -12.28 -27.86
C ILE B 372 7.35 -11.84 -27.82
N ILE B 373 7.08 -10.52 -27.85
CA ILE B 373 5.71 -9.98 -27.85
C ILE B 373 4.86 -10.57 -28.99
N THR B 374 5.41 -10.61 -30.20
CA THR B 374 4.73 -11.19 -31.36
C THR B 374 4.38 -12.67 -31.11
N ASN B 375 5.35 -13.46 -30.64
CA ASN B 375 5.14 -14.89 -30.40
C ASN B 375 4.30 -15.20 -29.17
N GLN B 376 4.08 -14.23 -28.28
CA GLN B 376 3.32 -14.43 -27.05
C GLN B 376 1.86 -14.00 -27.16
N ILE B 377 1.51 -13.06 -28.06
CA ILE B 377 0.12 -12.62 -28.19
C ILE B 377 -0.83 -13.78 -28.55
N PRO B 378 -0.57 -14.58 -29.61
CA PRO B 378 -1.49 -15.69 -29.92
C PRO B 378 -1.41 -16.91 -28.97
N LYS B 379 -0.34 -17.04 -28.16
CA LYS B 379 -0.28 -18.13 -27.18
C LYS B 379 -1.28 -17.82 -26.03
N TYR B 380 -1.31 -16.54 -25.63
CA TYR B 380 -2.13 -15.89 -24.63
C TYR B 380 -3.62 -16.04 -24.99
N SER B 381 -3.95 -15.88 -26.28
CA SER B 381 -5.34 -15.98 -26.72
C SER B 381 -5.80 -17.44 -26.79
N ASN B 382 -4.98 -18.31 -27.37
CA ASN B 382 -5.29 -19.73 -27.55
C ASN B 382 -5.42 -20.51 -26.23
N GLY B 383 -4.84 -19.98 -25.15
CA GLY B 383 -4.92 -20.63 -23.86
C GLY B 383 -3.95 -21.78 -23.72
N ASN B 384 -2.78 -21.68 -24.39
CA ASN B 384 -1.76 -22.72 -24.26
C ASN B 384 -0.73 -22.37 -23.16
N ILE B 385 -1.15 -21.61 -22.13
CA ILE B 385 -0.28 -21.28 -21.03
C ILE B 385 -0.89 -21.83 -19.75
N LYS B 386 -0.25 -22.83 -19.17
CA LYS B 386 -0.66 -23.39 -17.90
C LYS B 386 0.16 -22.69 -16.82
N LYS B 387 -0.45 -21.71 -16.13
CA LYS B 387 0.25 -20.96 -15.10
C LYS B 387 0.24 -21.78 -13.80
N LEU B 388 1.42 -22.17 -13.31
CA LEU B 388 1.51 -22.99 -12.10
C LEU B 388 1.20 -22.24 -10.82
N LEU B 389 0.50 -22.91 -9.91
CA LEU B 389 0.12 -22.31 -8.66
C LEU B 389 0.49 -23.15 -7.47
N PHE B 390 1.05 -22.48 -6.47
CA PHE B 390 1.42 -23.05 -5.19
C PHE B 390 0.19 -23.14 -4.29
N HIS B 391 -0.79 -22.22 -4.42
CA HIS B 391 -1.93 -22.23 -3.50
C HIS B 391 -3.27 -22.73 -4.08
N GLN B 392 -3.46 -22.71 -5.41
CA GLN B 392 -4.66 -23.29 -6.05
C GLN B 392 -5.99 -23.03 -5.32
N LYS B 393 -6.17 -21.80 -4.84
CA LYS B 393 -7.36 -21.37 -4.10
C LYS B 393 -8.63 -21.45 -4.98
N SER E 9 -35.85 -3.70 7.12
CA SER E 9 -36.45 -2.63 7.93
C SER E 9 -35.56 -2.20 9.12
N LEU E 10 -34.48 -2.93 9.42
CA LEU E 10 -33.55 -2.63 10.53
C LEU E 10 -32.66 -1.43 10.19
N LEU E 11 -32.23 -1.33 8.92
CA LEU E 11 -31.43 -0.22 8.45
C LEU E 11 -32.31 1.05 8.35
N LYS E 12 -33.59 0.88 7.93
CA LYS E 12 -34.55 1.98 7.81
C LYS E 12 -34.82 2.58 9.20
N LYS E 13 -35.04 1.73 10.22
CA LYS E 13 -35.33 2.14 11.58
C LYS E 13 -34.18 2.93 12.23
N LEU E 14 -32.93 2.63 11.81
CA LEU E 14 -31.75 3.36 12.28
C LEU E 14 -31.71 4.77 11.68
N LEU E 15 -32.15 4.91 10.42
CA LEU E 15 -32.22 6.18 9.71
C LEU E 15 -33.35 7.07 10.25
N LEU E 16 -34.57 6.48 10.44
CA LEU E 16 -35.79 7.18 10.89
C LEU E 16 -35.69 7.80 12.29
N ALA E 17 -35.12 7.07 13.24
CA ALA E 17 -34.97 7.53 14.62
C ALA E 17 -34.05 8.77 14.74
N PRO E 18 -34.29 9.70 15.70
CA PRO E 18 -33.42 10.88 15.80
C PRO E 18 -32.24 10.66 16.77
#